data_2KSN
#
_entry.id   2KSN
#
_entity_poly.entity_id   1
_entity_poly.type   'polypeptide(L)'
_entity_poly.pdbx_seq_one_letter_code
;MSLNENSEGTGVALGRNQPLKKEKPKWKSDYPMTDGQLRSKRDEFWDTAPAFEGRKEIWDALKAAAHAFESNDHELAQAI
IDGANITLPHGALTECYDELGNRYQLPVYCLAPPINMIEEKSDIETLDILEHHHHHH
;
_entity_poly.pdbx_strand_id   A
#
# COMPACT_ATOMS: atom_id res chain seq x y z
N SER A 2 1.50 -14.32 7.99
CA SER A 2 2.63 -14.64 8.89
C SER A 2 2.59 -13.72 10.10
N LEU A 3 2.73 -14.28 11.29
CA LEU A 3 2.61 -13.51 12.53
C LEU A 3 3.91 -12.76 12.84
N ASN A 4 3.95 -11.49 12.44
CA ASN A 4 5.08 -10.59 12.69
C ASN A 4 6.38 -11.22 12.21
N GLU A 5 6.53 -11.29 10.90
CA GLU A 5 7.71 -11.87 10.29
C GLU A 5 8.37 -10.88 9.35
N ASN A 6 9.48 -10.32 9.78
CA ASN A 6 10.26 -9.43 8.94
C ASN A 6 11.64 -10.01 8.73
N SER A 7 11.68 -11.35 8.64
CA SER A 7 12.93 -12.10 8.54
C SER A 7 13.93 -11.66 9.60
N GLU A 8 13.51 -11.74 10.85
CA GLU A 8 14.32 -11.34 11.97
C GLU A 8 14.90 -12.57 12.66
N GLY A 9 16.22 -12.63 12.74
CA GLY A 9 16.87 -13.81 13.27
C GLY A 9 17.17 -14.83 12.20
N THR A 10 16.82 -14.49 10.97
CA THR A 10 17.02 -15.36 9.83
C THR A 10 17.20 -14.53 8.55
N GLY A 11 18.18 -14.90 7.75
CA GLY A 11 18.46 -14.20 6.52
C GLY A 11 17.42 -14.48 5.45
N VAL A 12 16.44 -13.58 5.34
CA VAL A 12 15.38 -13.68 4.34
C VAL A 12 14.39 -14.81 4.66
N ALA A 13 13.11 -14.47 4.76
CA ALA A 13 12.09 -15.46 5.05
C ALA A 13 10.94 -15.38 4.04
N LEU A 14 10.19 -14.29 4.09
CA LEU A 14 9.05 -14.10 3.19
C LEU A 14 9.54 -13.88 1.77
N GLY A 15 10.76 -13.42 1.67
CA GLY A 15 11.29 -12.95 0.40
C GLY A 15 11.31 -11.44 0.40
N ARG A 16 12.48 -10.86 0.59
CA ARG A 16 12.61 -9.43 0.73
C ARG A 16 12.44 -8.70 -0.59
N ASN A 17 12.39 -9.45 -1.68
CA ASN A 17 12.10 -8.87 -2.98
C ASN A 17 10.61 -9.01 -3.26
N GLN A 18 10.07 -8.06 -4.02
CA GLN A 18 8.62 -7.88 -4.11
C GLN A 18 7.97 -8.81 -5.13
N PRO A 19 7.05 -9.67 -4.65
CA PRO A 19 6.20 -10.51 -5.50
C PRO A 19 5.02 -9.72 -6.09
N LEU A 20 4.02 -10.45 -6.60
CA LEU A 20 2.81 -9.84 -7.16
C LEU A 20 2.17 -8.86 -6.19
N LYS A 21 1.82 -7.67 -6.68
CA LYS A 21 1.18 -6.66 -5.84
C LYS A 21 -0.31 -6.94 -5.68
N LYS A 22 -0.64 -7.74 -4.68
CA LYS A 22 -2.02 -8.03 -4.34
C LYS A 22 -2.49 -7.17 -3.16
N GLU A 23 -1.52 -6.74 -2.38
CA GLU A 23 -1.74 -5.93 -1.18
C GLU A 23 -2.62 -4.70 -1.46
N LYS A 24 -3.33 -4.28 -0.42
CA LYS A 24 -4.24 -3.14 -0.51
C LYS A 24 -3.52 -1.88 -0.02
N PRO A 25 -4.02 -0.69 -0.39
CA PRO A 25 -3.49 0.57 0.13
C PRO A 25 -3.78 0.70 1.61
N LYS A 26 -2.79 1.14 2.37
CA LYS A 26 -2.85 1.09 3.82
C LYS A 26 -2.94 2.48 4.45
N TRP A 27 -3.75 2.56 5.51
CA TRP A 27 -4.02 3.81 6.27
C TRP A 27 -5.45 3.80 6.81
N LYS A 28 -6.27 2.88 6.32
CA LYS A 28 -7.68 2.81 6.69
C LYS A 28 -7.97 1.52 7.47
N SER A 29 -9.17 1.44 8.01
CA SER A 29 -9.60 0.29 8.80
C SER A 29 -9.66 -0.96 7.91
N ASP A 30 -9.10 -2.05 8.42
CA ASP A 30 -9.16 -3.33 7.72
C ASP A 30 -10.57 -3.87 7.78
N TYR A 31 -11.25 -3.57 8.88
CA TYR A 31 -12.68 -3.83 9.00
C TYR A 31 -13.40 -2.58 9.46
N PRO A 32 -13.76 -1.71 8.52
CA PRO A 32 -14.58 -0.54 8.81
C PRO A 32 -16.03 -0.93 9.01
N MET A 33 -16.64 -0.40 10.06
CA MET A 33 -18.02 -0.73 10.37
C MET A 33 -18.95 0.40 9.96
N THR A 34 -19.06 1.40 10.80
CA THR A 34 -19.88 2.55 10.51
C THR A 34 -19.01 3.80 10.37
N ASP A 35 -19.65 4.95 10.16
CA ASP A 35 -18.94 6.22 10.03
C ASP A 35 -18.00 6.47 11.20
N GLY A 36 -18.53 6.30 12.41
CA GLY A 36 -17.74 6.50 13.60
C GLY A 36 -16.51 5.60 13.63
N GLN A 37 -16.74 4.32 13.36
CA GLN A 37 -15.65 3.35 13.32
C GLN A 37 -14.64 3.69 12.25
N LEU A 38 -15.15 4.05 11.08
CA LEU A 38 -14.31 4.43 9.95
C LEU A 38 -13.46 5.62 10.31
N ARG A 39 -14.08 6.72 10.71
CA ARG A 39 -13.37 7.97 10.95
C ARG A 39 -12.37 7.85 12.10
N SER A 40 -12.78 7.22 13.20
CA SER A 40 -11.91 7.09 14.35
C SER A 40 -10.70 6.23 14.03
N LYS A 41 -10.93 5.02 13.51
CA LYS A 41 -9.83 4.15 13.17
C LYS A 41 -9.02 4.70 12.00
N ARG A 42 -9.68 5.45 11.12
CA ARG A 42 -9.01 6.11 9.99
C ARG A 42 -7.84 6.94 10.47
N ASP A 43 -8.12 7.83 11.43
CA ASP A 43 -7.09 8.72 11.95
C ASP A 43 -6.02 7.95 12.69
N GLU A 44 -6.47 7.00 13.50
CA GLU A 44 -5.56 6.10 14.23
C GLU A 44 -4.53 5.43 13.31
N PHE A 45 -5.00 4.81 12.24
CA PHE A 45 -4.10 4.16 11.29
C PHE A 45 -3.33 5.18 10.48
N TRP A 46 -3.99 6.28 10.16
CA TRP A 46 -3.39 7.41 9.45
C TRP A 46 -2.08 7.83 10.12
N ASP A 47 -2.09 7.85 11.45
CA ASP A 47 -0.91 8.23 12.23
C ASP A 47 0.29 7.34 11.93
N THR A 48 0.02 6.11 11.54
CA THR A 48 1.06 5.11 11.36
C THR A 48 1.38 4.90 9.88
N ALA A 49 0.69 5.63 9.01
CA ALA A 49 0.83 5.40 7.57
C ALA A 49 2.14 5.97 6.98
N PRO A 50 2.27 7.29 6.77
CA PRO A 50 3.39 7.82 5.97
C PRO A 50 4.70 7.93 6.75
N ALA A 51 4.57 8.03 8.07
CA ALA A 51 5.72 8.13 8.97
C ALA A 51 6.62 9.33 8.62
N PHE A 52 7.78 9.05 8.03
CA PHE A 52 8.75 10.09 7.71
C PHE A 52 8.92 10.33 6.21
N GLU A 53 8.57 9.33 5.41
CA GLU A 53 8.89 9.29 3.96
C GLU A 53 10.36 8.94 3.77
N GLY A 54 10.84 9.01 2.53
CA GLY A 54 12.19 8.53 2.27
C GLY A 54 12.92 9.30 1.18
N ARG A 55 12.32 9.38 0.01
CA ARG A 55 13.02 9.89 -1.15
C ARG A 55 12.03 10.44 -2.17
N LYS A 56 11.98 11.76 -2.29
CA LYS A 56 11.16 12.38 -3.33
C LYS A 56 11.68 11.99 -4.70
N GLU A 57 12.98 11.73 -4.76
CA GLU A 57 13.63 11.29 -5.99
C GLU A 57 13.03 9.99 -6.51
N ILE A 58 12.72 9.07 -5.60
CA ILE A 58 12.18 7.77 -5.99
C ILE A 58 10.67 7.87 -6.21
N TRP A 59 10.05 8.86 -5.59
CA TRP A 59 8.60 9.04 -5.66
C TRP A 59 8.12 8.97 -7.11
N ASP A 60 8.92 9.54 -8.01
CA ASP A 60 8.64 9.53 -9.43
C ASP A 60 8.38 8.12 -9.95
N ALA A 61 9.16 7.16 -9.46
CA ALA A 61 9.06 5.79 -9.92
C ALA A 61 7.84 5.12 -9.31
N LEU A 62 7.52 5.53 -8.09
CA LEU A 62 6.44 4.92 -7.34
C LEU A 62 5.08 5.24 -7.97
N LYS A 63 4.91 6.48 -8.36
CA LYS A 63 3.68 6.94 -8.98
C LYS A 63 3.58 6.44 -10.43
N ALA A 64 4.73 6.29 -11.10
CA ALA A 64 4.73 5.74 -12.45
C ALA A 64 4.38 4.25 -12.42
N ALA A 65 4.82 3.56 -11.38
CA ALA A 65 4.48 2.15 -11.22
C ALA A 65 3.00 2.01 -10.92
N ALA A 66 2.50 2.85 -10.02
CA ALA A 66 1.07 2.95 -9.78
C ALA A 66 0.31 3.13 -11.08
N HIS A 67 0.87 3.91 -11.99
CA HIS A 67 0.23 4.17 -13.28
C HIS A 67 0.05 2.87 -14.06
N ALA A 68 1.14 2.11 -14.18
CA ALA A 68 1.10 0.83 -14.87
C ALA A 68 0.20 -0.15 -14.14
N PHE A 69 0.41 -0.28 -12.84
CA PHE A 69 -0.35 -1.22 -12.02
C PHE A 69 -1.84 -0.91 -12.06
N GLU A 70 -2.19 0.38 -12.08
CA GLU A 70 -3.59 0.80 -12.23
C GLU A 70 -4.16 0.29 -13.55
N SER A 71 -3.30 0.20 -14.54
CA SER A 71 -3.69 -0.23 -15.87
C SER A 71 -3.57 -1.75 -15.99
N ASN A 72 -3.48 -2.41 -14.82
CA ASN A 72 -3.39 -3.87 -14.72
C ASN A 72 -1.98 -4.37 -15.03
N ASP A 73 -1.07 -3.44 -15.28
CA ASP A 73 0.33 -3.80 -15.53
C ASP A 73 1.05 -4.06 -14.22
N HIS A 74 0.93 -5.30 -13.74
CA HIS A 74 1.58 -5.71 -12.52
C HIS A 74 3.08 -5.83 -12.74
N GLU A 75 3.44 -6.40 -13.88
CA GLU A 75 4.83 -6.67 -14.22
C GLU A 75 5.61 -5.37 -14.37
N LEU A 76 4.98 -4.36 -14.96
CA LEU A 76 5.62 -3.05 -15.13
C LEU A 76 6.01 -2.46 -13.79
N ALA A 77 5.05 -2.45 -12.87
CA ALA A 77 5.30 -1.88 -11.55
C ALA A 77 6.37 -2.66 -10.80
N GLN A 78 6.42 -3.99 -11.00
CA GLN A 78 7.51 -4.79 -10.44
C GLN A 78 8.85 -4.41 -11.04
N ALA A 79 8.88 -4.24 -12.35
CA ALA A 79 10.11 -3.92 -13.07
C ALA A 79 10.59 -2.52 -12.71
N ILE A 80 9.68 -1.70 -12.22
CA ILE A 80 10.04 -0.37 -11.77
C ILE A 80 10.58 -0.39 -10.34
N ILE A 81 9.74 -0.82 -9.39
CA ILE A 81 10.11 -0.89 -7.97
C ILE A 81 11.36 -1.73 -7.76
N ASP A 82 11.27 -3.01 -8.10
CA ASP A 82 12.39 -3.94 -7.93
C ASP A 82 13.46 -3.65 -8.95
N GLY A 83 13.11 -2.88 -9.97
CA GLY A 83 14.06 -2.55 -11.00
C GLY A 83 15.09 -1.54 -10.54
N ALA A 84 14.76 -0.79 -9.50
CA ALA A 84 15.66 0.22 -8.96
C ALA A 84 16.67 -0.42 -8.02
N ASN A 85 16.13 -1.10 -7.03
CA ASN A 85 16.87 -1.75 -5.93
C ASN A 85 15.91 -1.88 -4.78
N ILE A 86 15.00 -0.92 -4.75
CA ILE A 86 13.91 -0.88 -3.80
C ILE A 86 13.12 -2.18 -3.83
N THR A 87 12.77 -2.68 -2.65
CA THR A 87 12.09 -3.96 -2.54
C THR A 87 11.08 -3.98 -1.41
N LEU A 88 10.35 -5.08 -1.34
CA LEU A 88 9.37 -5.30 -0.28
C LEU A 88 9.31 -6.78 0.08
N PRO A 89 9.25 -7.11 1.37
CA PRO A 89 8.87 -8.45 1.79
C PRO A 89 7.34 -8.60 1.75
N HIS A 90 6.67 -7.48 1.49
CA HIS A 90 5.21 -7.43 1.40
C HIS A 90 4.72 -7.89 0.03
N GLY A 91 5.16 -7.20 -1.02
CA GLY A 91 4.62 -7.47 -2.34
C GLY A 91 3.49 -6.53 -2.69
N ALA A 92 3.64 -5.26 -2.33
CA ALA A 92 2.61 -4.27 -2.57
C ALA A 92 3.08 -3.20 -3.53
N LEU A 93 2.12 -2.60 -4.21
CA LEU A 93 2.39 -1.42 -5.01
C LEU A 93 2.16 -0.21 -4.13
N THR A 94 1.46 -0.45 -3.04
CA THR A 94 1.12 0.58 -2.09
C THR A 94 2.17 0.68 -0.99
N GLU A 95 3.28 0.00 -1.18
CA GLU A 95 4.41 0.08 -0.28
C GLU A 95 5.70 -0.05 -1.06
N CYS A 96 6.76 0.54 -0.56
CA CYS A 96 8.09 0.39 -1.13
C CYS A 96 9.14 0.66 -0.06
N TYR A 97 10.20 -0.14 -0.02
CA TYR A 97 11.29 0.12 0.92
C TYR A 97 12.56 0.45 0.16
N ASP A 98 13.09 1.62 0.47
CA ASP A 98 14.23 2.18 -0.22
C ASP A 98 15.53 1.78 0.49
N GLU A 99 16.62 1.71 -0.30
CA GLU A 99 17.90 1.17 0.15
C GLU A 99 18.49 1.96 1.33
N LEU A 100 18.08 3.22 1.45
CA LEU A 100 18.58 4.09 2.50
C LEU A 100 17.90 3.79 3.84
N GLY A 101 17.02 2.80 3.83
CA GLY A 101 16.32 2.41 5.04
C GLY A 101 14.97 3.08 5.13
N ASN A 102 14.43 3.41 3.98
CA ASN A 102 13.20 4.19 3.89
C ASN A 102 12.02 3.30 3.58
N ARG A 103 10.83 3.74 3.97
CA ARG A 103 9.61 3.01 3.65
C ARG A 103 8.51 3.96 3.24
N TYR A 104 7.79 3.58 2.20
CA TYR A 104 6.66 4.35 1.72
C TYR A 104 5.38 3.55 1.83
N GLN A 105 4.36 4.18 2.38
CA GLN A 105 3.09 3.53 2.62
C GLN A 105 1.99 4.32 1.93
N LEU A 106 1.26 3.68 1.03
CA LEU A 106 0.35 4.39 0.15
C LEU A 106 -1.11 4.23 0.57
N PRO A 107 -1.77 5.37 0.86
CA PRO A 107 -3.21 5.41 1.18
C PRO A 107 -4.09 5.14 -0.04
N VAL A 108 -5.32 4.70 0.24
CA VAL A 108 -6.26 4.23 -0.79
C VAL A 108 -6.74 5.35 -1.69
N TYR A 109 -6.60 6.59 -1.24
CA TYR A 109 -7.19 7.75 -1.91
C TYR A 109 -6.66 7.90 -3.34
N CYS A 110 -5.53 7.27 -3.61
CA CYS A 110 -4.86 7.39 -4.90
C CYS A 110 -5.09 6.14 -5.77
N LEU A 111 -5.82 5.16 -5.22
CA LEU A 111 -6.01 3.89 -5.94
C LEU A 111 -7.45 3.39 -5.85
N ALA A 112 -7.96 3.26 -4.63
CA ALA A 112 -9.25 2.61 -4.42
C ALA A 112 -10.12 3.40 -3.44
N PRO A 113 -11.30 3.85 -3.90
CA PRO A 113 -12.25 4.58 -3.06
C PRO A 113 -13.46 3.79 -2.50
N PRO A 114 -13.46 2.43 -2.39
CA PRO A 114 -14.58 1.73 -1.76
C PRO A 114 -14.65 1.98 -0.25
N ILE A 115 -13.48 2.12 0.37
CA ILE A 115 -13.38 2.38 1.80
C ILE A 115 -13.57 3.88 2.08
N ASN A 116 -14.65 4.42 1.55
CA ASN A 116 -14.99 5.81 1.74
C ASN A 116 -16.37 5.94 2.37
N MET A 117 -17.31 5.13 1.91
CA MET A 117 -18.66 5.13 2.45
C MET A 117 -18.82 4.07 3.53
N ILE A 118 -18.39 2.85 3.20
CA ILE A 118 -18.38 1.73 4.13
C ILE A 118 -19.78 1.21 4.40
N GLU A 119 -20.52 1.98 5.18
CA GLU A 119 -21.85 1.58 5.63
C GLU A 119 -22.89 1.70 4.53
N GLU A 120 -22.78 0.81 3.55
CA GLU A 120 -23.79 0.68 2.51
C GLU A 120 -24.84 -0.34 2.95
N LYS A 121 -25.82 -0.56 2.09
CA LYS A 121 -26.90 -1.49 2.41
C LYS A 121 -26.51 -2.91 2.05
N SER A 122 -25.22 -3.18 2.12
CA SER A 122 -24.72 -4.53 1.99
C SER A 122 -24.88 -5.25 3.32
N ASP A 123 -25.07 -4.47 4.37
CA ASP A 123 -25.32 -5.00 5.71
C ASP A 123 -25.91 -3.94 6.62
N ILE A 124 -25.31 -2.77 6.63
CA ILE A 124 -25.72 -1.69 7.53
C ILE A 124 -27.11 -1.18 7.19
N GLU A 125 -27.90 -0.93 8.22
CA GLU A 125 -29.25 -0.40 8.07
C GLU A 125 -29.52 0.63 9.15
N THR A 126 -29.34 0.20 10.40
CA THR A 126 -29.60 1.04 11.56
C THR A 126 -28.71 0.64 12.73
N LEU A 127 -27.65 1.40 12.98
CA LEU A 127 -26.81 1.16 14.14
C LEU A 127 -27.37 1.91 15.34
N ASP A 128 -28.41 1.35 15.94
CA ASP A 128 -29.03 1.97 17.10
C ASP A 128 -28.56 1.28 18.37
N ILE A 129 -28.22 0.00 18.22
CA ILE A 129 -27.73 -0.80 19.33
C ILE A 129 -26.21 -0.94 19.25
N SER A 2 -2.54 -17.19 6.28
CA SER A 2 -1.96 -18.55 6.28
C SER A 2 -1.64 -18.99 4.86
N LEU A 3 -0.61 -18.40 4.26
CA LEU A 3 -0.21 -18.75 2.91
C LEU A 3 1.27 -19.10 2.86
N ASN A 4 1.57 -20.31 2.39
CA ASN A 4 2.94 -20.71 2.12
C ASN A 4 3.28 -20.37 0.69
N GLU A 5 3.81 -19.17 0.49
CA GLU A 5 4.09 -18.67 -0.85
C GLU A 5 5.13 -19.52 -1.57
N ASN A 6 5.05 -19.50 -2.89
CA ASN A 6 5.91 -20.28 -3.76
C ASN A 6 7.10 -19.45 -4.23
N SER A 7 7.48 -18.45 -3.44
CA SER A 7 8.58 -17.57 -3.78
C SER A 7 9.93 -18.22 -3.46
N GLU A 8 10.08 -19.49 -3.87
CA GLU A 8 11.32 -20.25 -3.70
C GLU A 8 11.56 -20.60 -2.24
N GLY A 9 11.69 -19.60 -1.38
CA GLY A 9 11.87 -19.85 0.03
C GLY A 9 13.33 -20.05 0.42
N THR A 10 14.22 -19.28 -0.19
CA THR A 10 15.62 -19.31 0.18
C THR A 10 15.96 -18.10 1.05
N GLY A 11 15.21 -17.95 2.13
CA GLY A 11 15.31 -16.75 2.95
C GLY A 11 14.27 -15.74 2.51
N VAL A 12 13.22 -16.24 1.88
CA VAL A 12 12.17 -15.42 1.32
C VAL A 12 10.82 -16.08 1.58
N ALA A 13 10.05 -15.48 2.45
CA ALA A 13 8.74 -16.03 2.80
C ALA A 13 7.67 -15.58 1.81
N LEU A 14 7.19 -14.36 1.97
CA LEU A 14 6.23 -13.79 1.02
C LEU A 14 6.96 -13.39 -0.24
N GLY A 15 7.88 -12.47 -0.06
CA GLY A 15 8.66 -11.94 -1.16
C GLY A 15 9.28 -10.62 -0.79
N ARG A 16 10.56 -10.66 -0.45
CA ARG A 16 11.29 -9.46 -0.06
C ARG A 16 11.24 -8.40 -1.18
N ASN A 17 11.21 -8.85 -2.41
CA ASN A 17 10.94 -7.98 -3.54
C ASN A 17 9.55 -8.30 -4.06
N GLN A 18 8.94 -7.37 -4.78
CA GLN A 18 7.50 -7.42 -5.02
C GLN A 18 7.10 -8.38 -6.14
N PRO A 19 6.43 -9.49 -5.77
CA PRO A 19 5.72 -10.36 -6.72
C PRO A 19 4.37 -9.74 -7.08
N LEU A 20 3.48 -10.54 -7.67
CA LEU A 20 2.14 -10.05 -7.99
C LEU A 20 1.49 -9.45 -6.74
N LYS A 21 0.91 -8.24 -6.88
CA LYS A 21 0.35 -7.54 -5.73
C LYS A 21 -0.71 -8.37 -5.03
N LYS A 22 -0.37 -8.83 -3.83
CA LYS A 22 -1.24 -9.73 -3.08
C LYS A 22 -2.08 -8.98 -2.04
N GLU A 23 -1.65 -7.78 -1.68
CA GLU A 23 -2.38 -7.00 -0.70
C GLU A 23 -2.98 -5.74 -1.32
N LYS A 24 -3.83 -5.09 -0.54
CA LYS A 24 -4.55 -3.90 -0.96
C LYS A 24 -4.01 -2.67 -0.25
N PRO A 25 -4.26 -1.46 -0.79
CA PRO A 25 -3.71 -0.22 -0.23
C PRO A 25 -3.98 -0.09 1.27
N LYS A 26 -2.93 0.18 2.01
CA LYS A 26 -3.00 0.15 3.45
C LYS A 26 -2.81 1.51 4.07
N TRP A 27 -3.79 1.90 4.85
CA TRP A 27 -3.75 3.11 5.67
C TRP A 27 -5.01 3.20 6.52
N LYS A 28 -5.62 2.06 6.79
CA LYS A 28 -6.96 2.01 7.35
C LYS A 28 -7.21 0.69 8.07
N SER A 29 -8.28 0.65 8.85
CA SER A 29 -8.81 -0.60 9.34
C SER A 29 -9.40 -1.35 8.17
N ASP A 30 -9.02 -2.61 7.99
CA ASP A 30 -9.59 -3.41 6.92
C ASP A 30 -10.98 -3.85 7.31
N TYR A 31 -11.26 -3.79 8.61
CA TYR A 31 -12.60 -3.97 9.11
C TYR A 31 -12.91 -2.87 10.13
N PRO A 32 -13.18 -1.64 9.62
CA PRO A 32 -13.45 -0.46 10.46
C PRO A 32 -14.69 -0.59 11.30
N MET A 33 -15.58 -1.41 10.81
CA MET A 33 -16.87 -1.67 11.40
C MET A 33 -17.85 -0.54 11.10
N THR A 34 -17.77 0.52 11.89
CA THR A 34 -18.69 1.63 11.73
C THR A 34 -17.94 2.91 11.32
N ASP A 35 -18.67 3.98 11.07
CA ASP A 35 -18.07 5.23 10.63
C ASP A 35 -17.24 5.85 11.74
N GLY A 36 -17.73 5.73 12.98
CA GLY A 36 -17.02 6.28 14.13
C GLY A 36 -15.62 5.73 14.24
N GLN A 37 -15.48 4.44 14.02
CA GLN A 37 -14.18 3.79 14.05
C GLN A 37 -13.39 4.15 12.80
N LEU A 38 -14.08 4.21 11.67
CA LEU A 38 -13.46 4.57 10.39
C LEU A 38 -12.72 5.90 10.49
N ARG A 39 -13.43 6.94 10.92
CA ARG A 39 -12.85 8.27 11.05
C ARG A 39 -11.73 8.31 12.10
N SER A 40 -12.01 7.71 13.27
CA SER A 40 -11.04 7.70 14.35
C SER A 40 -9.77 6.97 13.93
N LYS A 41 -9.93 5.83 13.28
CA LYS A 41 -8.80 5.05 12.83
C LYS A 41 -8.11 5.70 11.64
N ARG A 42 -8.87 6.42 10.83
CA ARG A 42 -8.30 7.13 9.68
C ARG A 42 -7.23 8.09 10.16
N ASP A 43 -7.50 8.77 11.27
CA ASP A 43 -6.55 9.71 11.86
C ASP A 43 -5.36 8.97 12.47
N GLU A 44 -5.69 7.97 13.29
CA GLU A 44 -4.69 7.16 13.97
C GLU A 44 -3.70 6.52 12.99
N PHE A 45 -4.24 5.95 11.91
CA PHE A 45 -3.43 5.32 10.89
C PHE A 45 -2.67 6.35 10.08
N TRP A 46 -3.29 7.49 9.84
CA TRP A 46 -2.65 8.60 9.13
C TRP A 46 -1.33 8.98 9.79
N ASP A 47 -1.24 8.80 11.10
CA ASP A 47 0.02 8.99 11.81
C ASP A 47 1.12 8.06 11.31
N THR A 48 0.73 6.86 10.93
CA THR A 48 1.70 5.81 10.59
C THR A 48 1.90 5.68 9.08
N ALA A 49 0.87 6.04 8.31
CA ALA A 49 0.90 5.88 6.85
C ALA A 49 2.15 6.49 6.19
N PRO A 50 2.47 7.77 6.44
CA PRO A 50 3.61 8.43 5.80
C PRO A 50 4.93 8.17 6.52
N ALA A 51 4.84 7.52 7.68
CA ALA A 51 6.01 7.25 8.53
C ALA A 51 6.66 8.55 9.00
N PHE A 52 7.90 8.78 8.59
CA PHE A 52 8.60 9.98 9.01
C PHE A 52 8.77 10.94 7.85
N GLU A 53 9.21 10.38 6.73
CA GLU A 53 9.48 11.11 5.50
C GLU A 53 9.56 10.15 4.35
N GLY A 54 9.75 10.68 3.17
CA GLY A 54 10.00 9.88 2.01
C GLY A 54 11.16 10.40 1.21
N ARG A 55 11.96 9.50 0.67
CA ARG A 55 13.01 9.87 -0.26
C ARG A 55 12.37 10.39 -1.54
N LYS A 56 12.22 11.70 -1.61
CA LYS A 56 11.47 12.36 -2.67
C LYS A 56 11.88 11.90 -4.06
N GLU A 57 13.17 11.67 -4.25
CA GLU A 57 13.71 11.28 -5.55
C GLU A 57 13.08 10.00 -6.09
N ILE A 58 12.72 9.08 -5.21
CA ILE A 58 12.13 7.81 -5.64
C ILE A 58 10.64 7.96 -5.90
N TRP A 59 10.02 8.97 -5.29
CA TRP A 59 8.57 9.15 -5.33
C TRP A 59 8.03 9.09 -6.75
N ASP A 60 8.79 9.64 -7.68
CA ASP A 60 8.41 9.66 -9.10
C ASP A 60 8.21 8.24 -9.63
N ALA A 61 9.01 7.30 -9.14
CA ALA A 61 8.93 5.92 -9.59
C ALA A 61 7.76 5.22 -8.91
N LEU A 62 7.43 5.67 -7.72
CA LEU A 62 6.34 5.08 -6.96
C LEU A 62 5.00 5.38 -7.62
N LYS A 63 4.81 6.65 -7.95
CA LYS A 63 3.60 7.08 -8.63
C LYS A 63 3.57 6.53 -10.07
N ALA A 64 4.75 6.33 -10.65
CA ALA A 64 4.85 5.75 -11.98
C ALA A 64 4.45 4.28 -11.98
N ALA A 65 4.83 3.56 -10.93
CA ALA A 65 4.48 2.15 -10.81
C ALA A 65 3.00 1.99 -10.60
N ALA A 66 2.46 2.71 -9.61
CA ALA A 66 1.01 2.78 -9.40
C ALA A 66 0.29 3.16 -10.71
N HIS A 67 0.94 3.98 -11.52
CA HIS A 67 0.36 4.40 -12.80
C HIS A 67 0.21 3.19 -13.72
N ALA A 68 1.28 2.40 -13.80
CA ALA A 68 1.27 1.20 -14.63
C ALA A 68 0.34 0.15 -14.04
N PHE A 69 0.56 -0.17 -12.77
CA PHE A 69 -0.29 -1.13 -12.07
C PHE A 69 -1.78 -0.75 -12.14
N GLU A 70 -2.09 0.55 -12.26
CA GLU A 70 -3.48 0.98 -12.46
C GLU A 70 -4.04 0.45 -13.78
N SER A 71 -3.16 0.26 -14.75
CA SER A 71 -3.52 -0.34 -16.03
C SER A 71 -3.31 -1.85 -15.96
N ASN A 72 -3.17 -2.35 -14.74
CA ASN A 72 -2.92 -3.77 -14.44
C ASN A 72 -1.52 -4.17 -14.86
N ASP A 73 -0.72 -3.19 -15.26
CA ASP A 73 0.67 -3.44 -15.62
C ASP A 73 1.51 -3.69 -14.38
N HIS A 74 1.47 -4.92 -13.89
CA HIS A 74 2.30 -5.33 -12.78
C HIS A 74 3.75 -5.44 -13.26
N GLU A 75 3.91 -5.93 -14.48
CA GLU A 75 5.23 -6.09 -15.09
C GLU A 75 6.00 -4.76 -15.04
N LEU A 76 5.31 -3.68 -15.36
CA LEU A 76 5.91 -2.35 -15.33
C LEU A 76 6.27 -1.96 -13.90
N ALA A 77 5.31 -2.07 -13.00
CA ALA A 77 5.51 -1.64 -11.62
C ALA A 77 6.60 -2.47 -10.92
N GLN A 78 6.64 -3.77 -11.16
CA GLN A 78 7.65 -4.62 -10.56
C GLN A 78 9.04 -4.25 -11.09
N ALA A 79 9.11 -3.94 -12.38
CA ALA A 79 10.37 -3.60 -13.02
C ALA A 79 10.84 -2.22 -12.57
N ILE A 80 9.91 -1.42 -12.07
CA ILE A 80 10.23 -0.11 -11.55
C ILE A 80 10.75 -0.21 -10.11
N ILE A 81 9.92 -0.74 -9.22
CA ILE A 81 10.28 -0.91 -7.81
C ILE A 81 11.59 -1.67 -7.66
N ASP A 82 11.61 -2.91 -8.13
CA ASP A 82 12.77 -3.77 -8.03
C ASP A 82 13.92 -3.23 -8.87
N GLY A 83 13.57 -2.48 -9.90
CA GLY A 83 14.57 -1.91 -10.78
C GLY A 83 15.28 -0.73 -10.13
N ALA A 84 14.74 -0.25 -9.02
CA ALA A 84 15.31 0.88 -8.31
C ALA A 84 16.07 0.41 -7.08
N ASN A 85 16.20 -0.91 -6.92
CA ASN A 85 16.89 -1.51 -5.78
C ASN A 85 16.02 -1.40 -4.53
N ILE A 86 14.80 -0.95 -4.75
CA ILE A 86 13.81 -0.85 -3.70
C ILE A 86 13.03 -2.15 -3.61
N THR A 87 12.77 -2.61 -2.40
CA THR A 87 12.07 -3.87 -2.20
C THR A 87 10.81 -3.70 -1.37
N LEU A 88 9.95 -4.70 -1.40
CA LEU A 88 8.72 -4.67 -0.64
C LEU A 88 8.30 -6.08 -0.23
N PRO A 89 8.51 -6.45 1.04
CA PRO A 89 8.28 -7.82 1.55
C PRO A 89 6.81 -8.21 1.65
N HIS A 90 5.92 -7.25 1.45
CA HIS A 90 4.48 -7.52 1.49
C HIS A 90 3.99 -8.07 0.16
N GLY A 91 4.81 -7.92 -0.88
CA GLY A 91 4.40 -8.34 -2.20
C GLY A 91 3.30 -7.47 -2.77
N ALA A 92 3.37 -6.18 -2.49
CA ALA A 92 2.33 -5.26 -2.91
C ALA A 92 2.90 -3.98 -3.51
N LEU A 93 2.11 -3.38 -4.39
CA LEU A 93 2.48 -2.12 -5.04
C LEU A 93 2.23 -0.96 -4.09
N THR A 94 1.35 -1.21 -3.13
CA THR A 94 0.90 -0.17 -2.22
C THR A 94 1.81 -0.03 -1.00
N GLU A 95 3.06 -0.45 -1.16
CA GLU A 95 4.09 -0.26 -0.16
C GLU A 95 5.44 -0.29 -0.83
N CYS A 96 6.41 0.43 -0.29
CA CYS A 96 7.76 0.45 -0.85
C CYS A 96 8.80 0.71 0.23
N TYR A 97 9.92 -0.01 0.14
CA TYR A 97 11.03 0.20 1.07
C TYR A 97 12.26 0.62 0.30
N ASP A 98 12.78 1.79 0.64
CA ASP A 98 13.98 2.32 0.01
C ASP A 98 15.22 1.75 0.69
N GLU A 99 16.26 1.54 -0.14
CA GLU A 99 17.47 0.83 0.25
C GLU A 99 18.17 1.51 1.42
N LEU A 100 18.03 2.83 1.48
CA LEU A 100 18.68 3.61 2.52
C LEU A 100 18.03 3.32 3.87
N GLY A 101 16.71 3.20 3.84
CA GLY A 101 15.96 2.87 5.02
C GLY A 101 14.66 3.63 5.09
N ASN A 102 13.96 3.71 3.97
CA ASN A 102 12.69 4.44 3.92
C ASN A 102 11.52 3.47 3.78
N ARG A 103 10.36 3.87 4.27
CA ARG A 103 9.17 3.04 4.21
C ARG A 103 7.97 3.86 3.75
N TYR A 104 7.29 3.37 2.73
CA TYR A 104 6.10 4.02 2.22
C TYR A 104 4.91 3.11 2.38
N GLN A 105 3.79 3.68 2.81
CA GLN A 105 2.55 2.94 2.94
C GLN A 105 1.51 3.65 2.07
N LEU A 106 0.97 2.94 1.09
CA LEU A 106 0.14 3.57 0.08
C LEU A 106 -1.35 3.46 0.40
N PRO A 107 -1.98 4.63 0.64
CA PRO A 107 -3.41 4.76 0.94
C PRO A 107 -4.31 4.43 -0.26
N VAL A 108 -5.54 4.02 0.07
CA VAL A 108 -6.50 3.49 -0.91
C VAL A 108 -7.07 4.57 -1.82
N TYR A 109 -7.02 5.81 -1.34
CA TYR A 109 -7.73 6.92 -1.98
C TYR A 109 -7.37 7.10 -3.46
N CYS A 110 -6.14 6.74 -3.83
CA CYS A 110 -5.67 6.96 -5.18
C CYS A 110 -5.76 5.68 -6.01
N LEU A 111 -6.21 4.59 -5.40
CA LEU A 111 -6.22 3.30 -6.09
C LEU A 111 -7.53 2.56 -5.91
N ALA A 112 -7.79 2.07 -4.70
CA ALA A 112 -8.90 1.18 -4.45
C ALA A 112 -9.87 1.78 -3.44
N PRO A 113 -11.11 2.06 -3.86
CA PRO A 113 -12.14 2.58 -2.98
C PRO A 113 -13.25 1.57 -2.53
N PRO A 114 -12.98 0.25 -2.34
CA PRO A 114 -13.98 -0.65 -1.77
C PRO A 114 -14.14 -0.44 -0.27
N ILE A 115 -13.13 0.17 0.34
CA ILE A 115 -13.15 0.51 1.76
C ILE A 115 -13.71 1.91 1.94
N ASN A 116 -14.88 2.13 1.37
CA ASN A 116 -15.52 3.43 1.40
C ASN A 116 -16.78 3.37 2.25
N MET A 117 -17.70 2.48 1.89
CA MET A 117 -18.89 2.26 2.68
C MET A 117 -18.75 0.96 3.47
N ILE A 118 -18.21 1.08 4.66
CA ILE A 118 -17.97 -0.07 5.52
C ILE A 118 -19.27 -0.54 6.13
N GLU A 119 -19.96 0.39 6.74
CA GLU A 119 -21.27 0.13 7.36
C GLU A 119 -22.27 -0.32 6.29
N GLU A 120 -22.50 -1.61 6.20
CA GLU A 120 -23.48 -2.16 5.28
C GLU A 120 -24.88 -2.13 5.88
N LYS A 121 -25.37 -3.28 6.26
CA LYS A 121 -26.63 -3.36 6.98
C LYS A 121 -26.40 -2.93 8.42
N SER A 122 -25.67 -3.76 9.17
CA SER A 122 -25.33 -3.50 10.57
C SER A 122 -26.49 -2.85 11.34
N ASP A 123 -26.34 -1.57 11.67
CA ASP A 123 -27.39 -0.82 12.36
C ASP A 123 -27.91 0.32 11.50
N ILE A 124 -27.23 0.54 10.39
CA ILE A 124 -27.56 1.60 9.45
C ILE A 124 -29.01 1.51 8.98
N GLU A 125 -29.65 2.66 8.86
CA GLU A 125 -31.07 2.78 8.50
C GLU A 125 -31.93 1.77 9.28
N THR A 126 -31.65 1.62 10.57
CA THR A 126 -32.40 0.71 11.42
C THR A 126 -32.77 1.38 12.74
N LEU A 127 -34.06 1.37 13.07
CA LEU A 127 -34.53 1.92 14.32
C LEU A 127 -35.65 1.07 14.91
N ASP A 128 -35.44 -0.23 14.86
CA ASP A 128 -36.35 -1.19 15.47
C ASP A 128 -35.61 -2.02 16.48
N ILE A 129 -34.39 -1.57 16.76
CA ILE A 129 -33.47 -2.30 17.63
C ILE A 129 -33.49 -1.76 19.05
N SER A 2 13.51 -19.07 11.86
CA SER A 2 12.93 -20.26 11.23
C SER A 2 13.98 -20.99 10.41
N LEU A 3 13.92 -22.32 10.43
CA LEU A 3 14.85 -23.14 9.66
C LEU A 3 14.19 -23.59 8.36
N ASN A 4 13.43 -22.70 7.74
CA ASN A 4 12.69 -23.03 6.54
C ASN A 4 13.07 -22.10 5.42
N GLU A 5 14.34 -21.69 5.41
CA GLU A 5 14.81 -20.70 4.46
C GLU A 5 15.29 -21.39 3.19
N ASN A 6 14.42 -22.22 2.62
CA ASN A 6 14.78 -23.06 1.48
C ASN A 6 14.70 -22.30 0.16
N SER A 7 14.63 -20.99 0.24
CA SER A 7 14.64 -20.15 -0.96
C SER A 7 15.89 -19.27 -0.96
N GLU A 8 16.77 -19.52 0.00
CA GLU A 8 17.95 -18.68 0.19
C GLU A 8 19.03 -18.99 -0.84
N GLY A 9 18.68 -19.75 -1.87
CA GLY A 9 19.59 -19.98 -2.98
C GLY A 9 20.01 -18.68 -3.63
N THR A 10 19.08 -17.72 -3.65
CA THR A 10 19.37 -16.39 -4.15
C THR A 10 19.35 -15.39 -2.99
N GLY A 11 19.56 -15.91 -1.79
CA GLY A 11 19.56 -15.07 -0.60
C GLY A 11 18.23 -14.40 -0.35
N VAL A 12 17.16 -15.19 -0.37
CA VAL A 12 15.82 -14.66 -0.21
C VAL A 12 14.99 -15.65 0.60
N ALA A 13 14.52 -15.19 1.75
CA ALA A 13 13.69 -16.00 2.62
C ALA A 13 12.29 -16.19 2.07
N LEU A 14 11.49 -15.12 2.06
CA LEU A 14 10.12 -15.22 1.59
C LEU A 14 9.90 -14.38 0.34
N GLY A 15 10.79 -13.43 0.09
CA GLY A 15 10.70 -12.64 -1.12
C GLY A 15 11.06 -11.18 -0.90
N ARG A 16 12.35 -10.86 -1.00
CA ARG A 16 12.81 -9.49 -0.81
C ARG A 16 12.25 -8.54 -1.85
N ASN A 17 11.98 -9.05 -3.05
CA ASN A 17 11.51 -8.22 -4.14
C ASN A 17 10.05 -8.54 -4.43
N GLN A 18 9.38 -7.61 -5.13
CA GLN A 18 7.92 -7.61 -5.23
C GLN A 18 7.40 -8.62 -6.26
N PRO A 19 6.75 -9.70 -5.77
CA PRO A 19 6.04 -10.66 -6.61
C PRO A 19 4.68 -10.10 -7.05
N LEU A 20 3.80 -10.98 -7.56
CA LEU A 20 2.47 -10.57 -7.97
C LEU A 20 1.78 -9.73 -6.90
N LYS A 21 1.10 -8.68 -7.33
CA LYS A 21 0.53 -7.67 -6.43
C LYS A 21 -0.74 -8.20 -5.78
N LYS A 22 -0.59 -8.77 -4.60
CA LYS A 22 -1.71 -9.38 -3.89
C LYS A 22 -2.31 -8.45 -2.83
N GLU A 23 -1.45 -7.78 -2.08
CA GLU A 23 -1.87 -7.04 -0.89
C GLU A 23 -2.71 -5.81 -1.23
N LYS A 24 -3.52 -5.39 -0.26
CA LYS A 24 -4.40 -4.25 -0.39
C LYS A 24 -3.71 -3.00 0.17
N PRO A 25 -4.17 -1.80 -0.19
CA PRO A 25 -3.59 -0.56 0.31
C PRO A 25 -3.80 -0.38 1.82
N LYS A 26 -2.76 0.09 2.50
CA LYS A 26 -2.76 0.20 3.96
C LYS A 26 -2.80 1.65 4.41
N TRP A 27 -3.43 1.85 5.58
CA TRP A 27 -3.78 3.17 6.18
C TRP A 27 -5.28 3.20 6.46
N LYS A 28 -5.98 2.14 6.05
CA LYS A 28 -7.43 2.14 6.02
C LYS A 28 -7.99 1.10 7.00
N SER A 29 -9.20 1.37 7.48
CA SER A 29 -9.88 0.48 8.44
C SER A 29 -10.20 -0.86 7.81
N ASP A 30 -10.23 -1.93 8.61
CA ASP A 30 -10.69 -3.23 8.12
C ASP A 30 -12.10 -3.06 7.60
N TYR A 31 -12.92 -2.45 8.43
CA TYR A 31 -14.25 -2.05 8.03
C TYR A 31 -14.56 -0.68 8.61
N PRO A 32 -14.48 0.37 7.78
CA PRO A 32 -14.89 1.70 8.19
C PRO A 32 -16.40 1.73 8.37
N MET A 33 -16.85 2.27 9.50
CA MET A 33 -18.26 2.27 9.82
C MET A 33 -18.94 3.54 9.30
N THR A 34 -18.81 4.62 10.05
CA THR A 34 -19.39 5.89 9.63
C THR A 34 -18.30 6.92 9.37
N ASP A 35 -18.70 8.15 9.07
CA ASP A 35 -17.74 9.22 8.80
C ASP A 35 -16.98 9.59 10.06
N GLY A 36 -17.65 9.57 11.20
CA GLY A 36 -17.01 9.88 12.47
C GLY A 36 -15.91 8.90 12.81
N GLN A 37 -16.18 7.62 12.58
CA GLN A 37 -15.17 6.60 12.78
C GLN A 37 -14.07 6.75 11.75
N LEU A 38 -14.46 7.11 10.53
CA LEU A 38 -13.53 7.33 9.45
C LEU A 38 -12.54 8.43 9.82
N ARG A 39 -13.05 9.60 10.18
CA ARG A 39 -12.21 10.76 10.50
C ARG A 39 -11.25 10.46 11.65
N SER A 40 -11.75 9.87 12.73
CA SER A 40 -10.94 9.58 13.90
C SER A 40 -9.89 8.51 13.58
N LYS A 41 -10.34 7.39 13.03
CA LYS A 41 -9.42 6.30 12.71
C LYS A 41 -8.46 6.69 11.60
N ARG A 42 -8.91 7.53 10.68
CA ARG A 42 -8.06 8.04 9.61
C ARG A 42 -6.82 8.69 10.21
N ASP A 43 -7.05 9.56 11.19
CA ASP A 43 -5.97 10.27 11.86
C ASP A 43 -5.07 9.29 12.60
N GLU A 44 -5.68 8.39 13.36
CA GLU A 44 -4.94 7.35 14.09
C GLU A 44 -4.03 6.58 13.13
N PHE A 45 -4.59 6.16 12.01
CA PHE A 45 -3.82 5.44 10.99
C PHE A 45 -2.76 6.34 10.36
N TRP A 46 -3.11 7.58 10.11
CA TRP A 46 -2.17 8.56 9.54
C TRP A 46 -0.88 8.66 10.37
N ASP A 47 -0.99 8.45 11.67
CA ASP A 47 0.20 8.45 12.54
C ASP A 47 1.11 7.27 12.24
N THR A 48 0.56 6.26 11.58
CA THR A 48 1.30 5.07 11.19
C THR A 48 1.54 5.06 9.68
N ALA A 49 0.77 5.89 8.98
CA ALA A 49 0.85 5.98 7.53
C ALA A 49 2.07 6.78 7.09
N PRO A 50 2.41 6.78 5.79
CA PRO A 50 3.61 7.45 5.27
C PRO A 50 3.61 8.96 5.54
N ALA A 51 2.51 9.61 5.18
CA ALA A 51 2.35 11.06 5.33
C ALA A 51 3.47 11.83 4.61
N PHE A 52 4.38 12.41 5.38
CA PHE A 52 5.43 13.24 4.83
C PHE A 52 6.79 12.57 4.91
N GLU A 53 6.87 11.48 5.66
CA GLU A 53 8.16 10.86 5.97
C GLU A 53 8.71 10.09 4.78
N GLY A 54 10.03 9.99 4.71
CA GLY A 54 10.68 9.22 3.68
C GLY A 54 11.52 10.08 2.75
N ARG A 55 11.27 9.92 1.46
CA ARG A 55 12.03 10.62 0.43
C ARG A 55 11.12 11.01 -0.73
N LYS A 56 11.11 12.28 -1.09
CA LYS A 56 10.34 12.76 -2.22
C LYS A 56 10.97 12.26 -3.52
N GLU A 57 12.27 12.02 -3.47
CA GLU A 57 13.01 11.53 -4.63
C GLU A 57 12.48 10.18 -5.09
N ILE A 58 12.20 9.30 -4.14
CA ILE A 58 11.75 7.95 -4.46
C ILE A 58 10.24 7.93 -4.78
N TRP A 59 9.52 8.93 -4.28
CA TRP A 59 8.07 8.99 -4.47
C TRP A 59 7.66 8.87 -5.92
N ASP A 60 8.45 9.46 -6.81
CA ASP A 60 8.15 9.45 -8.23
C ASP A 60 8.03 8.03 -8.76
N ALA A 61 8.83 7.12 -8.23
CA ALA A 61 8.80 5.74 -8.69
C ALA A 61 7.60 5.01 -8.13
N LEU A 62 7.15 5.44 -6.96
CA LEU A 62 6.03 4.81 -6.28
C LEU A 62 4.75 5.08 -7.07
N LYS A 63 4.50 6.34 -7.32
CA LYS A 63 3.34 6.77 -8.08
C LYS A 63 3.40 6.26 -9.52
N ALA A 64 4.62 6.10 -10.05
CA ALA A 64 4.80 5.58 -11.39
C ALA A 64 4.44 4.10 -11.46
N ALA A 65 4.76 3.36 -10.40
CA ALA A 65 4.43 1.94 -10.35
C ALA A 65 2.93 1.76 -10.23
N ALA A 66 2.33 2.46 -9.27
CA ALA A 66 0.88 2.47 -9.14
C ALA A 66 0.21 2.89 -10.44
N HIS A 67 0.88 3.76 -11.19
CA HIS A 67 0.36 4.23 -12.47
C HIS A 67 0.25 3.07 -13.45
N ALA A 68 1.31 2.28 -13.53
CA ALA A 68 1.35 1.12 -14.41
C ALA A 68 0.43 0.02 -13.90
N PHE A 69 0.60 -0.34 -12.63
CA PHE A 69 -0.16 -1.42 -12.04
C PHE A 69 -1.68 -1.16 -12.12
N GLU A 70 -2.06 0.11 -12.00
CA GLU A 70 -3.46 0.51 -12.13
C GLU A 70 -3.98 0.26 -13.55
N SER A 71 -3.08 0.28 -14.52
CA SER A 71 -3.43 0.00 -15.90
C SER A 71 -3.18 -1.47 -16.22
N ASN A 72 -3.15 -2.30 -15.18
CA ASN A 72 -2.98 -3.75 -15.28
C ASN A 72 -1.53 -4.13 -15.55
N ASP A 73 -0.65 -3.14 -15.62
CA ASP A 73 0.76 -3.38 -15.86
C ASP A 73 1.45 -3.86 -14.60
N HIS A 74 1.36 -5.17 -14.36
CA HIS A 74 2.00 -5.78 -13.21
C HIS A 74 3.50 -5.81 -13.41
N GLU A 75 3.92 -6.11 -14.64
CA GLU A 75 5.32 -6.23 -14.98
C GLU A 75 6.03 -4.89 -14.93
N LEU A 76 5.35 -3.84 -15.37
CA LEU A 76 5.93 -2.51 -15.38
C LEU A 76 6.24 -2.04 -13.96
N ALA A 77 5.25 -2.16 -13.10
CA ALA A 77 5.37 -1.68 -11.73
C ALA A 77 6.47 -2.41 -10.97
N GLN A 78 6.48 -3.75 -11.08
CA GLN A 78 7.50 -4.54 -10.40
C GLN A 78 8.89 -4.23 -10.96
N ALA A 79 8.96 -3.93 -12.25
CA ALA A 79 10.22 -3.58 -12.89
C ALA A 79 10.68 -2.20 -12.46
N ILE A 80 9.71 -1.36 -12.10
CA ILE A 80 10.03 -0.05 -11.55
C ILE A 80 10.59 -0.19 -10.14
N ILE A 81 9.92 -0.99 -9.32
CA ILE A 81 10.41 -1.34 -7.99
C ILE A 81 11.87 -1.79 -8.05
N ASP A 82 12.11 -2.88 -8.77
CA ASP A 82 13.45 -3.44 -8.90
C ASP A 82 14.38 -2.47 -9.62
N GLY A 83 13.83 -1.73 -10.57
CA GLY A 83 14.61 -0.80 -11.35
C GLY A 83 15.17 0.32 -10.50
N ALA A 84 14.52 0.61 -9.39
CA ALA A 84 14.96 1.70 -8.54
C ALA A 84 15.77 1.19 -7.36
N ASN A 85 16.11 -0.11 -7.39
CA ASN A 85 16.87 -0.75 -6.30
C ASN A 85 15.98 -0.84 -5.06
N ILE A 86 14.70 -0.59 -5.32
CA ILE A 86 13.65 -0.64 -4.32
C ILE A 86 13.16 -2.07 -4.16
N THR A 87 12.88 -2.49 -2.94
CA THR A 87 12.39 -3.84 -2.73
C THR A 87 11.20 -3.88 -1.79
N LEU A 88 10.57 -5.04 -1.74
CA LEU A 88 9.43 -5.28 -0.86
C LEU A 88 9.36 -6.73 -0.44
N PRO A 89 9.70 -7.06 0.81
CA PRO A 89 9.47 -8.40 1.32
C PRO A 89 7.97 -8.72 1.36
N HIS A 90 7.16 -7.67 1.46
CA HIS A 90 5.71 -7.81 1.44
C HIS A 90 5.21 -8.03 0.01
N GLY A 91 6.05 -7.63 -0.95
CA GLY A 91 5.74 -7.76 -2.36
C GLY A 91 4.46 -7.10 -2.78
N ALA A 92 4.16 -5.95 -2.22
CA ALA A 92 2.92 -5.27 -2.49
C ALA A 92 3.16 -4.00 -3.29
N LEU A 93 2.20 -3.63 -4.12
CA LEU A 93 2.25 -2.36 -4.84
C LEU A 93 1.83 -1.26 -3.88
N THR A 94 1.06 -1.66 -2.88
CA THR A 94 0.54 -0.74 -1.89
C THR A 94 1.55 -0.52 -0.78
N GLU A 95 2.81 -0.69 -1.14
CA GLU A 95 3.96 -0.44 -0.26
C GLU A 95 5.20 -0.40 -1.12
N CYS A 96 6.24 0.26 -0.63
CA CYS A 96 7.55 0.24 -1.27
C CYS A 96 8.63 0.55 -0.25
N TYR A 97 9.76 -0.15 -0.31
CA TYR A 97 10.84 0.15 0.60
C TYR A 97 12.05 0.64 -0.17
N ASP A 98 12.47 1.84 0.19
CA ASP A 98 13.58 2.51 -0.45
C ASP A 98 14.89 1.99 0.08
N GLU A 99 15.91 2.01 -0.78
CA GLU A 99 17.17 1.33 -0.53
C GLU A 99 17.88 1.84 0.72
N LEU A 100 17.60 3.09 1.11
CA LEU A 100 18.23 3.67 2.28
C LEU A 100 17.62 3.10 3.56
N GLY A 101 16.53 2.36 3.41
CA GLY A 101 15.84 1.79 4.55
C GLY A 101 14.55 2.50 4.84
N ASN A 102 13.96 3.11 3.83
CA ASN A 102 12.73 3.85 4.00
C ASN A 102 11.55 2.97 3.67
N ARG A 103 10.42 3.21 4.30
CA ARG A 103 9.23 2.42 4.05
C ARG A 103 8.10 3.32 3.62
N TYR A 104 7.28 2.81 2.72
CA TYR A 104 6.07 3.50 2.31
C TYR A 104 4.92 2.55 2.24
N GLN A 105 3.76 3.02 2.64
CA GLN A 105 2.54 2.26 2.53
C GLN A 105 1.56 3.04 1.70
N LEU A 106 1.14 2.48 0.59
CA LEU A 106 0.35 3.19 -0.39
C LEU A 106 -1.13 3.14 -0.02
N PRO A 107 -1.70 4.29 0.35
CA PRO A 107 -3.10 4.40 0.76
C PRO A 107 -4.10 4.18 -0.38
N VAL A 108 -5.30 3.74 0.00
CA VAL A 108 -6.36 3.37 -0.95
C VAL A 108 -6.80 4.52 -1.84
N TYR A 109 -6.45 5.75 -1.45
CA TYR A 109 -6.99 6.96 -2.07
C TYR A 109 -6.69 7.03 -3.58
N CYS A 110 -5.66 6.31 -4.02
CA CYS A 110 -5.27 6.34 -5.41
C CYS A 110 -5.21 4.93 -6.00
N LEU A 111 -5.79 3.98 -5.28
CA LEU A 111 -5.71 2.58 -5.71
C LEU A 111 -7.08 1.90 -5.66
N ALA A 112 -7.75 1.98 -4.53
CA ALA A 112 -8.99 1.25 -4.34
C ALA A 112 -10.10 2.18 -3.85
N PRO A 113 -11.14 2.37 -4.66
CA PRO A 113 -12.28 3.20 -4.32
C PRO A 113 -13.54 2.50 -3.74
N PRO A 114 -13.50 1.21 -3.25
CA PRO A 114 -14.67 0.62 -2.59
C PRO A 114 -14.96 1.28 -1.24
N ILE A 115 -13.96 2.00 -0.75
CA ILE A 115 -14.08 2.73 0.50
C ILE A 115 -14.08 4.23 0.23
N ASN A 116 -14.88 4.63 -0.76
CA ASN A 116 -14.96 6.03 -1.13
C ASN A 116 -16.08 6.74 -0.37
N MET A 117 -17.17 6.02 -0.14
CA MET A 117 -18.33 6.59 0.52
C MET A 117 -18.59 5.90 1.85
N ILE A 118 -18.48 4.56 1.85
CA ILE A 118 -18.65 3.73 3.05
C ILE A 118 -20.10 3.74 3.55
N GLU A 119 -20.53 4.87 4.08
CA GLU A 119 -21.88 5.01 4.62
C GLU A 119 -22.90 5.13 3.48
N GLU A 120 -24.13 4.75 3.75
CA GLU A 120 -25.16 4.78 2.72
C GLU A 120 -25.88 6.13 2.63
N LYS A 121 -26.58 6.29 1.51
CA LYS A 121 -27.28 7.52 1.10
C LYS A 121 -26.77 8.78 1.80
N SER A 122 -27.35 9.09 2.96
CA SER A 122 -27.03 10.30 3.70
C SER A 122 -27.89 10.35 4.97
N ASP A 123 -27.46 9.63 5.99
CA ASP A 123 -28.22 9.57 7.24
C ASP A 123 -27.30 9.77 8.44
N ILE A 124 -26.13 9.14 8.35
CA ILE A 124 -25.15 9.09 9.44
C ILE A 124 -25.08 10.39 10.26
N GLU A 125 -24.38 11.38 9.77
CA GLU A 125 -24.31 12.66 10.46
C GLU A 125 -24.92 13.77 9.61
N THR A 126 -25.99 13.43 8.90
CA THR A 126 -26.70 14.40 8.09
C THR A 126 -27.66 15.20 8.97
N LEU A 127 -27.12 16.16 9.71
CA LEU A 127 -27.91 16.99 10.59
C LEU A 127 -28.33 18.27 9.88
N ASP A 128 -29.57 18.69 10.10
CA ASP A 128 -30.13 19.84 9.40
C ASP A 128 -30.03 21.10 10.25
N ILE A 129 -30.07 20.91 11.56
CA ILE A 129 -30.01 22.03 12.49
C ILE A 129 -28.57 22.41 12.81
N SER A 2 11.01 -22.97 8.65
CA SER A 2 9.78 -22.16 8.71
C SER A 2 9.87 -21.15 9.86
N LEU A 3 10.30 -21.60 11.03
CA LEU A 3 10.43 -20.73 12.19
C LEU A 3 11.71 -19.91 12.12
N ASN A 4 11.64 -18.80 11.40
CA ASN A 4 12.76 -17.87 11.28
C ASN A 4 12.21 -16.48 10.97
N GLU A 5 12.72 -15.46 11.67
CA GLU A 5 12.24 -14.11 11.46
C GLU A 5 12.90 -13.50 10.23
N ASN A 6 14.01 -14.08 9.81
CA ASN A 6 14.68 -13.66 8.58
C ASN A 6 14.04 -14.37 7.39
N SER A 7 14.09 -13.73 6.23
CA SER A 7 13.40 -14.22 5.04
C SER A 7 14.15 -15.37 4.36
N GLU A 8 14.61 -16.35 5.16
CA GLU A 8 15.34 -17.52 4.67
C GLU A 8 16.69 -17.12 4.05
N GLY A 9 17.77 -17.59 4.67
CA GLY A 9 19.09 -17.37 4.14
C GLY A 9 19.37 -18.24 2.94
N THR A 10 18.52 -19.27 2.78
CA THR A 10 18.61 -20.19 1.66
C THR A 10 18.38 -19.47 0.34
N GLY A 11 17.68 -18.34 0.40
CA GLY A 11 17.44 -17.54 -0.79
C GLY A 11 16.00 -17.16 -0.95
N VAL A 12 15.54 -16.24 -0.10
CA VAL A 12 14.19 -15.68 -0.21
C VAL A 12 13.11 -16.67 0.23
N ALA A 13 12.28 -16.23 1.19
CA ALA A 13 11.15 -17.02 1.65
C ALA A 13 9.84 -16.51 1.07
N LEU A 14 9.22 -15.56 1.78
CA LEU A 14 7.94 -15.01 1.36
C LEU A 14 8.12 -14.03 0.20
N GLY A 15 9.35 -13.59 -0.02
CA GLY A 15 9.66 -12.71 -1.12
C GLY A 15 10.05 -11.33 -0.65
N ARG A 16 11.35 -11.06 -0.60
CA ARG A 16 11.85 -9.73 -0.27
C ARG A 16 11.50 -8.75 -1.38
N ASN A 17 11.36 -9.28 -2.58
CA ASN A 17 10.99 -8.49 -3.74
C ASN A 17 9.51 -8.63 -3.97
N GLN A 18 8.93 -7.68 -4.72
CA GLN A 18 7.49 -7.57 -4.83
C GLN A 18 6.90 -8.55 -5.84
N PRO A 19 6.22 -9.62 -5.36
CA PRO A 19 5.48 -10.55 -6.21
C PRO A 19 4.11 -9.98 -6.61
N LEU A 20 3.21 -10.83 -7.10
CA LEU A 20 1.87 -10.39 -7.48
C LEU A 20 1.21 -9.61 -6.34
N LYS A 21 0.54 -8.51 -6.68
CA LYS A 21 0.04 -7.58 -5.68
C LYS A 21 -1.20 -8.15 -4.97
N LYS A 22 -0.97 -8.68 -3.78
CA LYS A 22 -2.02 -9.30 -3.00
C LYS A 22 -2.58 -8.33 -1.95
N GLU A 23 -1.81 -7.31 -1.64
CA GLU A 23 -2.17 -6.39 -0.57
C GLU A 23 -2.88 -5.17 -1.11
N LYS A 24 -3.77 -4.63 -0.30
CA LYS A 24 -4.51 -3.41 -0.65
C LYS A 24 -3.85 -2.21 0.01
N PRO A 25 -4.14 -0.98 -0.47
CA PRO A 25 -3.53 0.24 0.04
C PRO A 25 -3.71 0.42 1.55
N LYS A 26 -2.67 0.93 2.19
CA LYS A 26 -2.61 0.98 3.64
C LYS A 26 -2.71 2.41 4.16
N TRP A 27 -3.52 2.60 5.20
CA TRP A 27 -3.75 3.92 5.86
C TRP A 27 -5.16 3.97 6.49
N LYS A 28 -6.03 3.08 6.08
CA LYS A 28 -7.42 3.11 6.53
C LYS A 28 -7.75 1.91 7.40
N SER A 29 -8.86 1.98 8.12
CA SER A 29 -9.30 0.89 8.96
C SER A 29 -9.65 -0.31 8.09
N ASP A 30 -8.98 -1.42 8.30
CA ASP A 30 -9.25 -2.63 7.56
C ASP A 30 -10.62 -3.15 7.94
N TYR A 31 -11.02 -2.86 9.18
CA TYR A 31 -12.38 -3.06 9.63
C TYR A 31 -12.91 -1.75 10.22
N PRO A 32 -13.51 -0.90 9.39
CA PRO A 32 -14.11 0.35 9.82
C PRO A 32 -15.48 0.15 10.46
N MET A 33 -15.70 0.84 11.56
CA MET A 33 -17.01 0.83 12.21
C MET A 33 -17.70 2.16 12.00
N THR A 34 -18.31 2.66 13.04
CA THR A 34 -19.06 3.90 12.96
C THR A 34 -18.13 5.10 13.05
N ASP A 35 -18.70 6.31 13.09
CA ASP A 35 -17.92 7.55 12.94
C ASP A 35 -16.80 7.69 13.95
N GLY A 36 -17.10 7.49 15.24
CA GLY A 36 -16.08 7.64 16.27
C GLY A 36 -14.93 6.67 16.10
N GLN A 37 -15.22 5.47 15.65
CA GLN A 37 -14.19 4.48 15.36
C GLN A 37 -13.43 4.87 14.10
N LEU A 38 -14.18 5.27 13.10
CA LEU A 38 -13.61 5.64 11.81
C LEU A 38 -12.64 6.81 11.97
N ARG A 39 -13.05 7.83 12.73
CA ARG A 39 -12.20 8.99 12.95
C ARG A 39 -10.94 8.62 13.73
N SER A 40 -11.12 7.91 14.84
CA SER A 40 -10.00 7.55 15.71
C SER A 40 -9.04 6.63 14.98
N LYS A 41 -9.56 5.49 14.51
CA LYS A 41 -8.73 4.47 13.91
C LYS A 41 -8.06 5.00 12.63
N ARG A 42 -8.72 5.93 11.97
CA ARG A 42 -8.12 6.63 10.82
C ARG A 42 -6.82 7.29 11.24
N ASP A 43 -6.85 7.97 12.37
CA ASP A 43 -5.68 8.68 12.89
C ASP A 43 -4.60 7.69 13.33
N GLU A 44 -5.01 6.70 14.13
CA GLU A 44 -4.11 5.61 14.54
C GLU A 44 -3.41 5.02 13.34
N PHE A 45 -4.19 4.73 12.31
CA PHE A 45 -3.69 4.14 11.09
C PHE A 45 -2.82 5.12 10.31
N TRP A 46 -3.22 6.38 10.28
CA TRP A 46 -2.43 7.45 9.64
C TRP A 46 -0.98 7.49 10.17
N ASP A 47 -0.79 7.08 11.42
CA ASP A 47 0.57 6.91 11.96
C ASP A 47 1.38 5.92 11.13
N THR A 48 0.67 5.00 10.48
CA THR A 48 1.29 4.00 9.64
C THR A 48 1.07 4.33 8.15
N ALA A 49 0.62 5.56 7.91
CA ALA A 49 0.37 6.03 6.55
C ALA A 49 1.55 6.89 6.04
N PRO A 50 1.50 7.35 4.76
CA PRO A 50 2.63 8.00 4.04
C PRO A 50 3.16 9.29 4.66
N ALA A 51 2.49 9.78 5.70
CA ALA A 51 2.80 11.08 6.31
C ALA A 51 4.31 11.39 6.40
N PHE A 52 5.09 10.42 6.85
CA PHE A 52 6.52 10.66 7.10
C PHE A 52 7.36 10.56 5.82
N GLU A 53 6.72 10.09 4.75
CA GLU A 53 7.34 9.91 3.43
C GLU A 53 8.74 9.27 3.53
N GLY A 54 9.70 9.79 2.77
CA GLY A 54 11.03 9.23 2.73
C GLY A 54 11.93 10.00 1.79
N ARG A 55 12.14 9.45 0.61
CA ARG A 55 12.94 10.09 -0.42
C ARG A 55 12.06 10.58 -1.56
N LYS A 56 11.68 11.85 -1.51
CA LYS A 56 10.87 12.49 -2.55
C LYS A 56 11.37 12.14 -3.95
N GLU A 57 12.69 12.02 -4.07
CA GLU A 57 13.36 11.70 -5.31
C GLU A 57 12.76 10.46 -5.99
N ILE A 58 12.42 9.45 -5.19
CA ILE A 58 11.92 8.20 -5.73
C ILE A 58 10.42 8.28 -6.05
N TRP A 59 9.73 9.21 -5.41
CA TRP A 59 8.26 9.30 -5.47
C TRP A 59 7.75 9.18 -6.90
N ASP A 60 8.46 9.82 -7.82
CA ASP A 60 8.09 9.82 -9.23
C ASP A 60 7.97 8.38 -9.78
N ALA A 61 8.86 7.50 -9.33
CA ALA A 61 8.89 6.14 -9.84
C ALA A 61 7.78 5.31 -9.20
N LEU A 62 7.38 5.72 -8.02
CA LEU A 62 6.35 4.99 -7.28
C LEU A 62 4.99 5.16 -7.94
N LYS A 63 4.69 6.40 -8.30
CA LYS A 63 3.44 6.69 -8.99
C LYS A 63 3.51 6.21 -10.44
N ALA A 64 4.73 6.13 -10.98
CA ALA A 64 4.92 5.57 -12.31
C ALA A 64 4.62 4.07 -12.31
N ALA A 65 5.02 3.38 -11.26
CA ALA A 65 4.72 1.96 -11.13
C ALA A 65 3.23 1.74 -10.98
N ALA A 66 2.62 2.51 -10.10
CA ALA A 66 1.17 2.55 -9.97
C ALA A 66 0.52 2.75 -11.33
N HIS A 67 1.13 3.59 -12.15
CA HIS A 67 0.59 3.91 -13.47
C HIS A 67 0.56 2.66 -14.34
N ALA A 68 1.67 1.93 -14.36
CA ALA A 68 1.75 0.70 -15.09
C ALA A 68 0.80 -0.34 -14.50
N PHE A 69 0.93 -0.58 -13.20
CA PHE A 69 0.07 -1.54 -12.50
C PHE A 69 -1.43 -1.23 -12.73
N GLU A 70 -1.77 0.05 -12.92
CA GLU A 70 -3.14 0.44 -13.25
C GLU A 70 -3.62 -0.27 -14.51
N SER A 71 -2.74 -0.38 -15.49
CA SER A 71 -3.04 -1.05 -16.73
C SER A 71 -2.79 -2.55 -16.60
N ASN A 72 -2.77 -3.02 -15.35
CA ASN A 72 -2.54 -4.43 -15.02
C ASN A 72 -1.08 -4.79 -15.28
N ASP A 73 -0.26 -3.78 -15.53
CA ASP A 73 1.15 -4.01 -15.80
C ASP A 73 1.92 -4.20 -14.50
N HIS A 74 1.89 -5.43 -14.01
CA HIS A 74 2.57 -5.75 -12.76
C HIS A 74 4.08 -5.78 -12.96
N GLU A 75 4.52 -6.35 -14.08
CA GLU A 75 5.94 -6.52 -14.35
C GLU A 75 6.65 -5.17 -14.41
N LEU A 76 6.05 -4.20 -15.08
CA LEU A 76 6.61 -2.86 -15.12
C LEU A 76 6.80 -2.31 -13.72
N ALA A 77 5.75 -2.37 -12.92
CA ALA A 77 5.79 -1.81 -11.58
C ALA A 77 6.83 -2.51 -10.71
N GLN A 78 6.85 -3.84 -10.71
CA GLN A 78 7.79 -4.58 -9.86
C GLN A 78 9.23 -4.38 -10.36
N ALA A 79 9.37 -4.14 -11.65
CA ALA A 79 10.68 -3.88 -12.24
C ALA A 79 11.14 -2.48 -11.88
N ILE A 80 10.19 -1.57 -11.75
CA ILE A 80 10.50 -0.20 -11.34
C ILE A 80 10.94 -0.18 -9.88
N ILE A 81 10.08 -0.69 -9.00
CA ILE A 81 10.36 -0.76 -7.57
C ILE A 81 11.72 -1.40 -7.31
N ASP A 82 11.85 -2.67 -7.72
CA ASP A 82 13.05 -3.45 -7.44
C ASP A 82 14.24 -2.96 -8.26
N GLY A 83 13.94 -2.21 -9.33
CA GLY A 83 14.99 -1.70 -10.18
C GLY A 83 15.79 -0.60 -9.49
N ALA A 84 15.29 -0.12 -8.37
CA ALA A 84 15.96 0.93 -7.62
C ALA A 84 16.55 0.39 -6.32
N ASN A 85 16.52 -0.95 -6.18
CA ASN A 85 16.93 -1.62 -4.93
C ASN A 85 15.88 -1.42 -3.84
N ILE A 86 14.79 -0.77 -4.23
CA ILE A 86 13.64 -0.63 -3.38
C ILE A 86 12.77 -1.89 -3.50
N THR A 87 12.30 -2.42 -2.38
CA THR A 87 11.53 -3.65 -2.44
C THR A 87 10.33 -3.60 -1.48
N LEU A 88 9.41 -4.55 -1.66
CA LEU A 88 8.23 -4.63 -0.82
C LEU A 88 7.81 -6.09 -0.67
N PRO A 89 8.08 -6.70 0.50
CA PRO A 89 7.85 -8.13 0.73
C PRO A 89 6.37 -8.54 0.66
N HIS A 90 5.48 -7.62 1.02
CA HIS A 90 4.03 -7.89 0.98
C HIS A 90 3.53 -8.04 -0.46
N GLY A 91 4.38 -7.70 -1.41
CA GLY A 91 4.02 -7.81 -2.80
C GLY A 91 3.05 -6.73 -3.23
N ALA A 92 2.99 -5.68 -2.44
CA ALA A 92 2.05 -4.60 -2.68
C ALA A 92 2.68 -3.49 -3.48
N LEU A 93 1.89 -2.95 -4.38
CA LEU A 93 2.29 -1.81 -5.19
C LEU A 93 2.02 -0.56 -4.38
N THR A 94 1.21 -0.71 -3.35
CA THR A 94 0.81 0.38 -2.50
C THR A 94 1.76 0.54 -1.32
N GLU A 95 2.92 -0.10 -1.42
CA GLU A 95 3.98 0.05 -0.44
C GLU A 95 5.33 -0.12 -1.11
N CYS A 96 6.31 0.62 -0.66
CA CYS A 96 7.68 0.48 -1.17
C CYS A 96 8.66 0.87 -0.07
N TYR A 97 9.73 0.12 0.07
CA TYR A 97 10.74 0.44 1.07
C TYR A 97 12.05 0.76 0.38
N ASP A 98 12.54 1.95 0.66
CA ASP A 98 13.70 2.51 0.00
C ASP A 98 14.98 1.98 0.62
N GLU A 99 16.01 1.87 -0.22
CA GLU A 99 17.27 1.21 0.11
C GLU A 99 17.93 1.80 1.36
N LEU A 100 17.66 3.07 1.63
CA LEU A 100 18.25 3.73 2.79
C LEU A 100 17.51 3.37 4.07
N GLY A 101 16.41 2.65 3.90
CA GLY A 101 15.60 2.24 5.04
C GLY A 101 14.32 3.03 5.15
N ASN A 102 13.86 3.58 4.03
CA ASN A 102 12.67 4.43 4.03
C ASN A 102 11.43 3.63 3.73
N ARG A 103 10.28 4.18 4.06
CA ARG A 103 9.01 3.52 3.81
C ARG A 103 8.04 4.46 3.10
N TYR A 104 7.48 3.99 2.00
CA TYR A 104 6.42 4.70 1.33
C TYR A 104 5.17 3.85 1.31
N GLN A 105 4.11 4.41 1.85
CA GLN A 105 2.88 3.68 2.09
C GLN A 105 1.75 4.40 1.37
N LEU A 106 1.07 3.70 0.48
CA LEU A 106 0.10 4.35 -0.40
C LEU A 106 -1.33 4.16 0.10
N PRO A 107 -2.01 5.29 0.38
CA PRO A 107 -3.43 5.29 0.75
C PRO A 107 -4.35 4.90 -0.40
N VAL A 108 -5.55 4.42 -0.05
CA VAL A 108 -6.51 3.90 -1.03
C VAL A 108 -7.06 5.00 -1.92
N TYR A 109 -6.88 6.26 -1.51
CA TYR A 109 -7.49 7.40 -2.19
C TYR A 109 -7.08 7.48 -3.67
N CYS A 110 -5.97 6.85 -4.01
CA CYS A 110 -5.43 6.93 -5.35
C CYS A 110 -5.75 5.65 -6.15
N LEU A 111 -6.49 4.72 -5.55
CA LEU A 111 -6.79 3.44 -6.19
C LEU A 111 -8.24 2.99 -5.94
N ALA A 112 -8.64 2.96 -4.69
CA ALA A 112 -9.94 2.42 -4.30
C ALA A 112 -10.62 3.31 -3.26
N PRO A 113 -11.74 3.94 -3.61
CA PRO A 113 -12.47 4.82 -2.71
C PRO A 113 -13.76 4.25 -2.05
N PRO A 114 -13.95 2.92 -1.84
CA PRO A 114 -15.11 2.43 -1.10
C PRO A 114 -14.93 2.54 0.42
N ILE A 115 -13.68 2.65 0.84
CA ILE A 115 -13.35 2.79 2.26
C ILE A 115 -13.07 4.25 2.60
N ASN A 116 -13.93 5.12 2.12
CA ASN A 116 -13.76 6.56 2.29
C ASN A 116 -14.67 7.06 3.41
N MET A 117 -15.96 6.75 3.30
CA MET A 117 -16.91 7.03 4.34
C MET A 117 -17.72 5.78 4.60
N ILE A 118 -17.86 5.41 5.86
CA ILE A 118 -18.49 4.16 6.22
C ILE A 118 -19.94 4.38 6.65
N GLU A 119 -20.22 4.22 7.93
CA GLU A 119 -21.57 4.38 8.43
C GLU A 119 -21.73 5.64 9.29
N GLU A 120 -22.70 6.46 8.90
CA GLU A 120 -23.00 7.73 9.57
C GLU A 120 -23.66 7.51 10.93
N LYS A 121 -23.98 8.62 11.60
CA LYS A 121 -24.56 8.57 12.94
C LYS A 121 -25.82 7.70 13.00
N SER A 122 -26.72 7.90 12.06
CA SER A 122 -27.98 7.16 12.01
C SER A 122 -28.52 7.17 10.59
N ASP A 123 -27.61 7.09 9.63
CA ASP A 123 -28.00 7.10 8.23
C ASP A 123 -28.02 5.67 7.72
N ILE A 124 -26.97 4.95 8.05
CA ILE A 124 -26.85 3.55 7.70
C ILE A 124 -27.55 2.68 8.73
N GLU A 125 -28.25 1.66 8.26
CA GLU A 125 -28.91 0.72 9.14
C GLU A 125 -28.94 -0.66 8.49
N THR A 126 -29.87 -0.86 7.58
CA THR A 126 -29.94 -2.10 6.82
C THR A 126 -30.68 -1.86 5.50
N LEU A 127 -29.99 -1.23 4.56
CA LEU A 127 -30.54 -0.96 3.25
C LEU A 127 -29.41 -0.76 2.24
N ASP A 128 -29.63 -1.20 1.02
CA ASP A 128 -28.60 -1.15 -0.02
C ASP A 128 -28.80 0.05 -0.93
N ILE A 129 -30.02 0.57 -0.93
CA ILE A 129 -30.35 1.73 -1.74
C ILE A 129 -30.48 2.99 -0.89
N SER A 2 16.03 -10.02 14.85
CA SER A 2 17.22 -9.62 15.62
C SER A 2 18.00 -8.54 14.87
N LEU A 3 17.59 -7.28 15.09
CA LEU A 3 18.22 -6.12 14.44
C LEU A 3 18.22 -6.25 12.92
N ASN A 4 19.29 -6.81 12.37
CA ASN A 4 19.39 -7.05 10.95
C ASN A 4 19.58 -8.54 10.71
N GLU A 5 18.53 -9.20 10.22
CA GLU A 5 18.56 -10.65 10.09
C GLU A 5 17.50 -11.13 9.10
N ASN A 6 17.14 -10.27 8.15
CA ASN A 6 16.15 -10.62 7.14
C ASN A 6 16.78 -11.55 6.10
N SER A 7 17.71 -11.00 5.32
CA SER A 7 18.44 -11.77 4.33
C SER A 7 19.65 -10.96 3.89
N GLU A 8 19.45 -10.09 2.91
CA GLU A 8 20.44 -9.07 2.54
C GLU A 8 21.79 -9.65 2.15
N GLY A 9 21.88 -10.13 0.92
CA GLY A 9 23.14 -10.63 0.39
C GLY A 9 23.37 -12.08 0.75
N THR A 10 22.54 -12.60 1.62
CA THR A 10 22.65 -13.97 2.07
C THR A 10 21.71 -14.86 1.28
N GLY A 11 21.14 -14.29 0.23
CA GLY A 11 20.16 -15.00 -0.56
C GLY A 11 18.80 -14.32 -0.48
N VAL A 12 17.82 -14.88 -1.17
CA VAL A 12 16.47 -14.35 -1.12
C VAL A 12 15.49 -15.44 -0.76
N ALA A 13 15.10 -15.48 0.51
CA ALA A 13 14.15 -16.46 0.98
C ALA A 13 12.71 -15.97 0.84
N LEU A 14 12.26 -15.16 1.79
CA LEU A 14 10.88 -14.66 1.78
C LEU A 14 10.66 -13.66 0.65
N GLY A 15 11.76 -13.15 0.08
CA GLY A 15 11.66 -12.26 -1.05
C GLY A 15 12.04 -10.84 -0.71
N ARG A 16 13.20 -10.40 -1.21
CA ARG A 16 13.59 -9.01 -1.10
C ARG A 16 12.70 -8.13 -1.95
N ASN A 17 12.71 -8.38 -3.25
CA ASN A 17 12.01 -7.52 -4.19
C ASN A 17 10.58 -8.02 -4.39
N GLN A 18 9.72 -7.11 -4.80
CA GLN A 18 8.29 -7.39 -4.83
C GLN A 18 7.83 -7.98 -6.16
N PRO A 19 7.31 -9.21 -6.11
CA PRO A 19 6.63 -9.87 -7.24
C PRO A 19 5.29 -9.23 -7.55
N LEU A 20 4.47 -9.95 -8.31
CA LEU A 20 3.11 -9.51 -8.62
C LEU A 20 2.38 -9.13 -7.32
N LYS A 21 1.62 -8.04 -7.38
CA LYS A 21 1.05 -7.44 -6.19
C LYS A 21 -0.45 -7.69 -6.09
N LYS A 22 -0.84 -8.60 -5.21
CA LYS A 22 -2.24 -8.91 -4.99
C LYS A 22 -2.76 -8.18 -3.73
N GLU A 23 -1.84 -7.85 -2.84
CA GLU A 23 -2.19 -7.27 -1.55
C GLU A 23 -2.70 -5.84 -1.68
N LYS A 24 -3.27 -5.34 -0.60
CA LYS A 24 -4.08 -4.12 -0.61
C LYS A 24 -3.32 -2.95 0.03
N PRO A 25 -3.63 -1.70 -0.39
CA PRO A 25 -3.02 -0.49 0.19
C PRO A 25 -3.35 -0.35 1.68
N LYS A 26 -2.40 0.18 2.45
CA LYS A 26 -2.51 0.13 3.90
C LYS A 26 -2.70 1.49 4.55
N TRP A 27 -3.86 1.60 5.18
CA TRP A 27 -4.25 2.75 6.01
C TRP A 27 -5.74 2.65 6.38
N LYS A 28 -6.30 1.46 6.30
CA LYS A 28 -7.73 1.29 6.20
C LYS A 28 -8.25 0.31 7.26
N SER A 29 -9.46 0.55 7.71
CA SER A 29 -10.08 -0.21 8.78
C SER A 29 -10.29 -1.66 8.39
N ASP A 30 -10.04 -2.55 9.34
CA ASP A 30 -10.29 -3.98 9.14
C ASP A 30 -11.75 -4.21 8.77
N TYR A 31 -12.62 -3.44 9.41
CA TYR A 31 -14.02 -3.39 9.05
C TYR A 31 -14.52 -1.96 9.18
N PRO A 32 -14.46 -1.18 8.09
CA PRO A 32 -14.99 0.18 8.07
C PRO A 32 -16.50 0.16 8.07
N MET A 33 -17.11 0.99 8.91
CA MET A 33 -18.56 0.97 9.05
C MET A 33 -19.19 2.26 8.51
N THR A 34 -19.26 3.29 9.34
CA THR A 34 -19.84 4.56 8.91
C THR A 34 -18.82 5.70 8.97
N ASP A 35 -19.31 6.92 8.71
CA ASP A 35 -18.48 8.13 8.74
C ASP A 35 -17.63 8.22 10.00
N GLY A 36 -18.25 7.94 11.15
CA GLY A 36 -17.53 7.98 12.42
C GLY A 36 -16.27 7.14 12.39
N GLN A 37 -16.38 5.95 11.82
CA GLN A 37 -15.24 5.05 11.72
C GLN A 37 -14.25 5.56 10.69
N LEU A 38 -14.77 6.04 9.57
CA LEU A 38 -13.95 6.57 8.50
C LEU A 38 -13.09 7.71 9.02
N ARG A 39 -13.72 8.74 9.58
CA ARG A 39 -13.02 9.94 10.03
C ARG A 39 -12.03 9.62 11.16
N SER A 40 -12.49 8.84 12.13
CA SER A 40 -11.69 8.51 13.30
C SER A 40 -10.49 7.68 12.90
N LYS A 41 -10.74 6.58 12.22
CA LYS A 41 -9.66 5.70 11.80
C LYS A 41 -8.74 6.39 10.80
N ARG A 42 -9.31 7.23 9.93
CA ARG A 42 -8.52 7.96 8.96
C ARG A 42 -7.43 8.78 9.63
N ASP A 43 -7.78 9.49 10.69
CA ASP A 43 -6.83 10.34 11.40
C ASP A 43 -5.74 9.49 12.06
N GLU A 44 -6.18 8.52 12.85
CA GLU A 44 -5.27 7.60 13.54
C GLU A 44 -4.33 6.91 12.56
N PHE A 45 -4.91 6.35 11.50
CA PHE A 45 -4.15 5.65 10.49
C PHE A 45 -3.23 6.60 9.73
N TRP A 46 -3.75 7.76 9.33
CA TRP A 46 -2.96 8.74 8.57
C TRP A 46 -1.62 9.04 9.24
N ASP A 47 -1.62 9.07 10.57
CA ASP A 47 -0.37 9.26 11.32
C ASP A 47 0.68 8.22 10.92
N THR A 48 0.24 6.98 10.74
CA THR A 48 1.17 5.88 10.46
C THR A 48 0.96 5.33 9.05
N ALA A 49 0.17 6.05 8.25
CA ALA A 49 -0.16 5.61 6.90
C ALA A 49 1.09 5.63 6.01
N PRO A 50 1.74 6.80 5.81
CA PRO A 50 2.98 6.86 5.04
C PRO A 50 4.21 6.60 5.90
N ALA A 51 3.97 6.56 7.22
CA ALA A 51 5.01 6.34 8.21
C ALA A 51 6.04 7.47 8.21
N PHE A 52 7.20 7.22 7.63
CA PHE A 52 8.27 8.20 7.62
C PHE A 52 8.48 8.75 6.21
N GLU A 53 7.80 8.14 5.24
CA GLU A 53 8.12 8.35 3.83
C GLU A 53 9.59 8.02 3.59
N GLY A 54 10.39 9.01 3.28
CA GLY A 54 11.80 8.76 3.07
C GLY A 54 12.41 9.55 1.95
N ARG A 55 12.56 8.90 0.81
CA ARG A 55 13.26 9.47 -0.33
C ARG A 55 12.25 10.02 -1.33
N LYS A 56 12.24 11.34 -1.52
CA LYS A 56 11.32 11.96 -2.47
C LYS A 56 11.78 11.72 -3.89
N GLU A 57 13.09 11.54 -4.05
CA GLU A 57 13.68 11.31 -5.35
C GLU A 57 13.08 10.08 -6.02
N ILE A 58 12.79 9.07 -5.21
CA ILE A 58 12.22 7.82 -5.70
C ILE A 58 10.71 7.92 -5.86
N TRP A 59 10.09 8.87 -5.16
CA TRP A 59 8.63 8.97 -5.10
C TRP A 59 8.00 8.88 -6.48
N ASP A 60 8.62 9.55 -7.45
CA ASP A 60 8.14 9.53 -8.83
C ASP A 60 8.02 8.12 -9.38
N ALA A 61 8.87 7.22 -8.93
CA ALA A 61 8.85 5.85 -9.40
C ALA A 61 7.72 5.08 -8.72
N LEU A 62 7.45 5.46 -7.48
CA LEU A 62 6.43 4.78 -6.68
C LEU A 62 5.04 5.09 -7.21
N LYS A 63 4.82 6.37 -7.48
CA LYS A 63 3.56 6.83 -8.03
C LYS A 63 3.39 6.33 -9.47
N ALA A 64 4.50 6.22 -10.20
CA ALA A 64 4.46 5.69 -11.56
C ALA A 64 4.08 4.22 -11.55
N ALA A 65 4.56 3.49 -10.55
CA ALA A 65 4.22 2.09 -10.41
C ALA A 65 2.76 1.92 -10.04
N ALA A 66 2.31 2.66 -9.03
CA ALA A 66 0.91 2.71 -8.67
C ALA A 66 0.05 3.04 -9.89
N HIS A 67 0.60 3.86 -10.77
CA HIS A 67 -0.09 4.28 -11.98
C HIS A 67 -0.30 3.09 -12.91
N ALA A 68 0.78 2.37 -13.19
CA ALA A 68 0.71 1.18 -14.02
C ALA A 68 -0.15 0.11 -13.36
N PHE A 69 0.10 -0.12 -12.08
CA PHE A 69 -0.64 -1.12 -11.32
C PHE A 69 -2.14 -0.81 -11.31
N GLU A 70 -2.50 0.47 -11.31
CA GLU A 70 -3.89 0.88 -11.48
C GLU A 70 -4.44 0.40 -12.81
N SER A 71 -3.60 0.46 -13.84
CA SER A 71 -3.98 0.09 -15.19
C SER A 71 -3.82 -1.41 -15.40
N ASN A 72 -3.81 -2.16 -14.29
CA ASN A 72 -3.68 -3.61 -14.28
C ASN A 72 -2.26 -4.06 -14.61
N ASP A 73 -1.37 -3.10 -14.83
CA ASP A 73 0.02 -3.40 -15.10
C ASP A 73 0.76 -3.74 -13.81
N HIS A 74 0.64 -4.99 -13.39
CA HIS A 74 1.28 -5.47 -12.18
C HIS A 74 2.78 -5.59 -12.39
N GLU A 75 3.15 -6.08 -13.57
CA GLU A 75 4.55 -6.35 -13.88
C GLU A 75 5.32 -5.07 -14.12
N LEU A 76 4.65 -4.05 -14.66
CA LEU A 76 5.26 -2.74 -14.80
C LEU A 76 5.70 -2.21 -13.45
N ALA A 77 4.78 -2.23 -12.50
CA ALA A 77 5.02 -1.67 -11.19
C ALA A 77 6.14 -2.39 -10.46
N GLN A 78 6.15 -3.73 -10.51
CA GLN A 78 7.18 -4.49 -9.82
C GLN A 78 8.55 -4.25 -10.47
N ALA A 79 8.54 -4.05 -11.79
CA ALA A 79 9.77 -3.79 -12.53
C ALA A 79 10.28 -2.38 -12.25
N ILE A 80 9.38 -1.49 -11.89
CA ILE A 80 9.75 -0.12 -11.55
C ILE A 80 10.41 -0.06 -10.18
N ILE A 81 9.73 -0.58 -9.17
CA ILE A 81 10.25 -0.68 -7.81
C ILE A 81 11.62 -1.35 -7.79
N ASP A 82 11.67 -2.58 -8.27
CA ASP A 82 12.91 -3.35 -8.30
C ASP A 82 13.93 -2.71 -9.22
N GLY A 83 13.43 -1.98 -10.21
CA GLY A 83 14.28 -1.36 -11.20
C GLY A 83 15.17 -0.28 -10.62
N ALA A 84 14.80 0.24 -9.45
CA ALA A 84 15.61 1.26 -8.81
C ALA A 84 16.72 0.62 -7.99
N ASN A 85 16.30 -0.29 -7.13
CA ASN A 85 17.15 -0.99 -6.16
C ASN A 85 16.26 -1.36 -4.98
N ILE A 86 15.24 -0.52 -4.84
CA ILE A 86 14.24 -0.62 -3.81
C ILE A 86 13.51 -1.96 -3.85
N THR A 87 13.15 -2.48 -2.69
CA THR A 87 12.51 -3.78 -2.58
C THR A 87 11.28 -3.73 -1.68
N LEU A 88 10.46 -4.77 -1.76
CA LEU A 88 9.33 -4.95 -0.86
C LEU A 88 9.06 -6.44 -0.68
N PRO A 89 9.27 -6.94 0.55
CA PRO A 89 9.23 -8.38 0.87
C PRO A 89 7.92 -9.08 0.48
N HIS A 90 6.80 -8.43 0.75
CA HIS A 90 5.48 -9.02 0.50
C HIS A 90 5.14 -9.10 -1.00
N GLY A 91 5.80 -8.30 -1.81
CA GLY A 91 5.44 -8.21 -3.20
C GLY A 91 4.32 -7.23 -3.47
N ALA A 92 4.07 -6.34 -2.52
CA ALA A 92 2.97 -5.40 -2.64
C ALA A 92 3.44 -4.09 -3.23
N LEU A 93 2.57 -3.50 -4.04
CA LEU A 93 2.87 -2.25 -4.75
C LEU A 93 2.72 -1.08 -3.78
N THR A 94 1.80 -1.23 -2.85
CA THR A 94 1.41 -0.16 -1.97
C THR A 94 2.34 -0.06 -0.77
N GLU A 95 3.50 -0.70 -0.89
CA GLU A 95 4.54 -0.59 0.11
C GLU A 95 5.88 -0.71 -0.59
N CYS A 96 6.86 0.06 -0.16
CA CYS A 96 8.19 -0.03 -0.74
C CYS A 96 9.24 0.38 0.28
N TYR A 97 10.40 -0.25 0.24
CA TYR A 97 11.48 0.09 1.14
C TYR A 97 12.68 0.56 0.35
N ASP A 98 13.11 1.76 0.65
CA ASP A 98 14.23 2.39 -0.03
C ASP A 98 15.54 1.87 0.52
N GLU A 99 16.54 1.80 -0.36
CA GLU A 99 17.82 1.17 -0.09
C GLU A 99 18.52 1.77 1.13
N LEU A 100 18.18 3.02 1.43
CA LEU A 100 18.81 3.72 2.56
C LEU A 100 18.19 3.28 3.88
N GLY A 101 17.16 2.46 3.80
CA GLY A 101 16.50 1.97 4.99
C GLY A 101 15.21 2.72 5.27
N ASN A 102 14.57 3.20 4.22
CA ASN A 102 13.32 3.96 4.36
C ASN A 102 12.12 3.09 4.04
N ARG A 103 10.95 3.47 4.53
CA ARG A 103 9.74 2.71 4.27
C ARG A 103 8.63 3.62 3.76
N TYR A 104 8.03 3.22 2.66
CA TYR A 104 6.90 3.94 2.08
C TYR A 104 5.68 3.06 2.08
N GLN A 105 4.59 3.58 2.61
CA GLN A 105 3.34 2.86 2.65
C GLN A 105 2.27 3.67 1.94
N LEU A 106 1.60 3.05 0.99
CA LEU A 106 0.67 3.75 0.12
C LEU A 106 -0.77 3.58 0.58
N PRO A 107 -1.48 4.70 0.81
CA PRO A 107 -2.88 4.70 1.22
C PRO A 107 -3.83 4.33 0.08
N VAL A 108 -4.99 3.81 0.46
CA VAL A 108 -5.95 3.22 -0.46
C VAL A 108 -6.72 4.26 -1.26
N TYR A 109 -6.74 5.49 -0.74
CA TYR A 109 -7.59 6.55 -1.27
C TYR A 109 -7.31 6.83 -2.75
N CYS A 110 -6.07 6.60 -3.17
CA CYS A 110 -5.65 6.94 -4.52
C CYS A 110 -5.78 5.76 -5.46
N LEU A 111 -6.11 4.59 -4.92
CA LEU A 111 -6.17 3.38 -5.73
C LEU A 111 -7.57 2.78 -5.76
N ALA A 112 -8.13 2.52 -4.58
CA ALA A 112 -9.39 1.79 -4.48
C ALA A 112 -10.49 2.63 -3.86
N PRO A 113 -11.51 2.99 -4.68
CA PRO A 113 -12.69 3.76 -4.23
C PRO A 113 -13.58 3.06 -3.17
N PRO A 114 -13.83 1.72 -3.24
CA PRO A 114 -14.74 1.03 -2.30
C PRO A 114 -14.60 1.45 -0.84
N ILE A 115 -13.41 1.28 -0.28
CA ILE A 115 -13.17 1.58 1.13
C ILE A 115 -12.84 3.06 1.34
N ASN A 116 -13.16 3.87 0.36
CA ASN A 116 -13.05 5.32 0.48
C ASN A 116 -14.46 5.92 0.60
N MET A 117 -15.45 5.14 0.18
CA MET A 117 -16.84 5.51 0.37
C MET A 117 -17.45 4.72 1.53
N ILE A 118 -17.31 3.40 1.46
CA ILE A 118 -17.75 2.49 2.52
C ILE A 118 -19.28 2.49 2.68
N GLU A 119 -19.80 3.50 3.36
CA GLU A 119 -21.23 3.61 3.62
C GLU A 119 -21.99 3.72 2.30
N GLU A 120 -23.12 3.02 2.23
CA GLU A 120 -23.94 3.03 1.02
C GLU A 120 -24.94 4.20 1.05
N LYS A 121 -25.88 4.18 0.12
CA LYS A 121 -26.79 5.30 -0.08
C LYS A 121 -27.89 5.31 0.98
N SER A 122 -27.50 5.71 2.18
CA SER A 122 -28.45 5.99 3.24
C SER A 122 -28.50 7.49 3.47
N ASP A 123 -27.47 7.99 4.12
CA ASP A 123 -27.27 9.41 4.30
C ASP A 123 -26.29 9.93 3.26
N ILE A 124 -25.38 9.03 2.89
CA ILE A 124 -24.32 9.31 1.94
C ILE A 124 -24.87 9.70 0.56
N GLU A 125 -24.06 10.40 -0.21
CA GLU A 125 -24.43 10.90 -1.50
C GLU A 125 -23.57 10.25 -2.57
N THR A 126 -24.21 9.62 -3.51
CA THR A 126 -23.52 9.03 -4.65
C THR A 126 -22.95 10.11 -5.55
N LEU A 127 -21.65 10.37 -5.41
CA LEU A 127 -20.97 11.37 -6.23
C LEU A 127 -20.65 10.81 -7.62
N ASP A 128 -20.28 11.70 -8.53
CA ASP A 128 -19.96 11.33 -9.90
C ASP A 128 -18.55 11.76 -10.23
N ILE A 129 -17.77 11.94 -9.17
CA ILE A 129 -16.37 12.30 -9.29
C ILE A 129 -15.61 11.33 -10.18
N SER A 2 27.49 -15.35 -7.83
CA SER A 2 27.03 -13.96 -7.99
C SER A 2 25.66 -13.91 -8.62
N LEU A 3 24.69 -13.34 -7.89
CA LEU A 3 23.32 -13.18 -8.35
C LEU A 3 22.65 -14.55 -8.56
N ASN A 4 22.98 -15.49 -7.69
CA ASN A 4 22.42 -16.83 -7.77
C ASN A 4 22.33 -17.43 -6.37
N GLU A 5 21.19 -18.07 -6.07
CA GLU A 5 20.95 -18.64 -4.75
C GLU A 5 20.91 -17.55 -3.68
N ASN A 6 19.99 -16.62 -3.86
CA ASN A 6 19.85 -15.48 -2.96
C ASN A 6 19.15 -15.90 -1.67
N SER A 7 19.73 -15.48 -0.55
CA SER A 7 19.17 -15.70 0.78
C SER A 7 19.04 -17.19 1.12
N GLU A 8 17.92 -17.79 0.74
CA GLU A 8 17.63 -19.18 1.06
C GLU A 8 18.27 -20.12 0.05
N GLY A 9 18.62 -19.59 -1.12
CA GLY A 9 19.27 -20.40 -2.14
C GLY A 9 18.27 -21.15 -2.98
N THR A 10 17.32 -21.81 -2.32
CA THR A 10 16.27 -22.57 -2.99
C THR A 10 15.35 -21.64 -3.80
N GLY A 11 15.39 -20.36 -3.45
CA GLY A 11 14.63 -19.36 -4.17
C GLY A 11 15.35 -18.04 -4.16
N VAL A 12 14.62 -16.95 -4.15
CA VAL A 12 15.23 -15.64 -4.02
C VAL A 12 15.28 -15.26 -2.55
N ALA A 13 14.28 -15.74 -1.81
CA ALA A 13 14.20 -15.64 -0.35
C ALA A 13 12.79 -16.02 0.06
N LEU A 14 11.97 -15.00 0.20
CA LEU A 14 10.55 -15.17 0.49
C LEU A 14 9.74 -14.40 -0.55
N GLY A 15 10.47 -13.72 -1.41
CA GLY A 15 9.88 -12.86 -2.41
C GLY A 15 10.34 -11.43 -2.23
N ARG A 16 11.65 -11.27 -2.03
CA ARG A 16 12.21 -9.97 -1.70
C ARG A 16 12.03 -8.97 -2.85
N ASN A 17 12.05 -9.48 -4.06
CA ASN A 17 11.71 -8.67 -5.22
C ASN A 17 10.23 -8.86 -5.52
N GLN A 18 9.63 -7.89 -6.20
CA GLN A 18 8.17 -7.71 -6.16
C GLN A 18 7.41 -8.65 -7.10
N PRO A 19 6.77 -9.69 -6.54
CA PRO A 19 5.87 -10.59 -7.26
C PRO A 19 4.48 -9.96 -7.46
N LEU A 20 3.49 -10.79 -7.79
CA LEU A 20 2.09 -10.36 -7.91
C LEU A 20 1.65 -9.53 -6.71
N LYS A 21 0.81 -8.54 -6.97
CA LYS A 21 0.32 -7.63 -5.93
C LYS A 21 -0.88 -8.25 -5.23
N LYS A 22 -0.60 -9.10 -4.25
CA LYS A 22 -1.64 -9.79 -3.50
C LYS A 22 -1.94 -9.10 -2.17
N GLU A 23 -1.01 -8.26 -1.72
CA GLU A 23 -1.16 -7.58 -0.44
C GLU A 23 -1.94 -6.28 -0.61
N LYS A 24 -2.48 -5.79 0.49
CA LYS A 24 -3.38 -4.63 0.50
C LYS A 24 -2.63 -3.37 0.93
N PRO A 25 -3.12 -2.19 0.52
CA PRO A 25 -2.54 -0.91 0.95
C PRO A 25 -2.88 -0.60 2.40
N LYS A 26 -1.94 0.00 3.11
CA LYS A 26 -2.08 0.19 4.55
C LYS A 26 -2.26 1.67 4.90
N TRP A 27 -3.07 1.91 5.95
CA TRP A 27 -3.53 3.25 6.40
C TRP A 27 -5.04 3.22 6.69
N LYS A 28 -5.67 2.08 6.44
CA LYS A 28 -7.11 2.00 6.41
C LYS A 28 -7.60 1.13 7.57
N SER A 29 -8.87 1.31 7.93
CA SER A 29 -9.46 0.55 9.02
C SER A 29 -9.54 -0.92 8.66
N ASP A 30 -8.97 -1.76 9.53
CA ASP A 30 -9.01 -3.20 9.36
C ASP A 30 -10.46 -3.70 9.40
N TYR A 31 -11.31 -2.94 10.07
CA TYR A 31 -12.73 -3.22 10.06
C TYR A 31 -13.53 -1.91 10.13
N PRO A 32 -13.83 -1.32 8.97
CA PRO A 32 -14.66 -0.11 8.90
C PRO A 32 -16.13 -0.44 9.11
N MET A 33 -16.81 0.39 9.89
CA MET A 33 -18.21 0.15 10.21
C MET A 33 -19.14 1.22 9.63
N THR A 34 -19.16 2.39 10.22
CA THR A 34 -20.02 3.45 9.74
C THR A 34 -19.22 4.63 9.22
N ASP A 35 -19.90 5.64 8.67
CA ASP A 35 -19.25 6.86 8.22
C ASP A 35 -18.57 7.55 9.39
N GLY A 36 -19.27 7.58 10.53
CA GLY A 36 -18.72 8.15 11.73
C GLY A 36 -17.40 7.51 12.11
N GLN A 37 -17.35 6.19 12.03
CA GLN A 37 -16.12 5.46 12.30
C GLN A 37 -15.10 5.74 11.21
N LEU A 38 -15.54 5.69 9.96
CA LEU A 38 -14.67 5.89 8.81
C LEU A 38 -13.91 7.21 8.92
N ARG A 39 -14.63 8.28 9.24
CA ARG A 39 -14.02 9.61 9.31
C ARG A 39 -13.14 9.77 10.54
N SER A 40 -13.59 9.22 11.67
CA SER A 40 -12.83 9.31 12.91
C SER A 40 -11.56 8.48 12.82
N LYS A 41 -11.69 7.28 12.24
CA LYS A 41 -10.56 6.41 12.02
C LYS A 41 -9.65 6.94 10.92
N ARG A 42 -10.25 7.61 9.94
CA ARG A 42 -9.49 8.26 8.86
C ARG A 42 -8.44 9.19 9.46
N ASP A 43 -8.87 10.01 10.40
CA ASP A 43 -7.98 10.92 11.12
C ASP A 43 -6.91 10.14 11.88
N GLU A 44 -7.38 9.19 12.68
CA GLU A 44 -6.52 8.39 13.55
C GLU A 44 -5.43 7.66 12.75
N PHE A 45 -5.84 7.00 11.69
CA PHE A 45 -4.92 6.24 10.84
C PHE A 45 -4.01 7.16 10.05
N TRP A 46 -4.54 8.29 9.59
CA TRP A 46 -3.73 9.26 8.85
C TRP A 46 -2.49 9.68 9.64
N ASP A 47 -2.62 9.81 10.95
CA ASP A 47 -1.46 10.14 11.79
C ASP A 47 -0.44 9.01 11.82
N THR A 48 -0.89 7.81 11.47
CA THR A 48 0.01 6.66 11.41
C THR A 48 0.51 6.47 9.98
N ALA A 49 -0.12 7.19 9.05
CA ALA A 49 0.24 7.10 7.65
C ALA A 49 1.39 8.05 7.33
N PRO A 50 2.13 7.78 6.23
CA PRO A 50 3.38 8.48 5.92
C PRO A 50 3.18 9.79 5.18
N ALA A 51 1.95 10.01 4.72
CA ALA A 51 1.57 11.22 3.99
C ALA A 51 2.46 11.48 2.78
N PHE A 52 3.28 12.53 2.85
CA PHE A 52 4.13 12.93 1.73
C PHE A 52 5.60 12.62 2.04
N GLU A 53 5.85 12.08 3.22
CA GLU A 53 7.22 11.90 3.69
C GLU A 53 7.89 10.71 3.03
N GLY A 54 9.21 10.80 2.92
CA GLY A 54 9.98 9.75 2.27
C GLY A 54 11.02 10.32 1.36
N ARG A 55 11.79 9.43 0.74
CA ARG A 55 12.73 9.80 -0.31
C ARG A 55 11.93 10.36 -1.49
N LYS A 56 11.56 11.63 -1.40
CA LYS A 56 10.66 12.26 -2.37
C LYS A 56 11.12 12.02 -3.80
N GLU A 57 12.42 12.04 -4.00
CA GLU A 57 13.04 11.75 -5.29
C GLU A 57 12.56 10.43 -5.88
N ILE A 58 12.42 9.40 -5.04
CA ILE A 58 11.92 8.11 -5.51
C ILE A 58 10.39 8.09 -5.52
N TRP A 59 9.78 8.95 -4.71
CA TRP A 59 8.34 8.94 -4.53
C TRP A 59 7.61 9.01 -5.85
N ASP A 60 8.15 9.81 -6.76
CA ASP A 60 7.56 9.98 -8.08
C ASP A 60 7.53 8.67 -8.85
N ALA A 61 8.48 7.79 -8.56
CA ALA A 61 8.55 6.51 -9.25
C ALA A 61 7.54 5.55 -8.63
N LEU A 62 7.26 5.78 -7.36
CA LEU A 62 6.35 4.94 -6.62
C LEU A 62 4.91 5.21 -7.03
N LYS A 63 4.59 6.49 -7.16
CA LYS A 63 3.27 6.91 -7.62
C LYS A 63 3.08 6.58 -9.11
N ALA A 64 4.18 6.59 -9.85
CA ALA A 64 4.14 6.20 -11.26
C ALA A 64 3.92 4.70 -11.41
N ALA A 65 4.53 3.92 -10.52
CA ALA A 65 4.28 2.48 -10.51
C ALA A 65 2.85 2.21 -10.13
N ALA A 66 2.38 2.91 -9.11
CA ALA A 66 0.97 2.89 -8.76
C ALA A 66 0.11 3.12 -9.99
N HIS A 67 0.53 4.04 -10.85
CA HIS A 67 -0.22 4.37 -12.06
C HIS A 67 -0.31 3.15 -12.97
N ALA A 68 0.83 2.51 -13.20
CA ALA A 68 0.87 1.30 -14.03
C ALA A 68 0.05 0.20 -13.39
N PHE A 69 0.33 -0.09 -12.12
CA PHE A 69 -0.38 -1.14 -11.39
C PHE A 69 -1.90 -0.89 -11.40
N GLU A 70 -2.32 0.37 -11.27
CA GLU A 70 -3.73 0.74 -11.39
C GLU A 70 -4.26 0.38 -12.78
N SER A 71 -3.39 0.50 -13.77
CA SER A 71 -3.74 0.25 -15.16
C SER A 71 -3.55 -1.23 -15.48
N ASN A 72 -3.53 -2.06 -14.44
CA ASN A 72 -3.40 -3.52 -14.54
C ASN A 72 -1.98 -3.93 -14.92
N ASP A 73 -1.09 -2.94 -14.98
CA ASP A 73 0.29 -3.20 -15.34
C ASP A 73 1.08 -3.67 -14.14
N HIS A 74 1.00 -4.96 -13.90
CA HIS A 74 1.71 -5.62 -12.82
C HIS A 74 3.21 -5.63 -13.12
N GLU A 75 3.54 -5.93 -14.37
CA GLU A 75 4.92 -6.04 -14.82
C GLU A 75 5.60 -4.68 -14.84
N LEU A 76 4.84 -3.63 -15.16
CA LEU A 76 5.37 -2.28 -15.20
C LEU A 76 5.80 -1.82 -13.83
N ALA A 77 4.88 -1.86 -12.88
CA ALA A 77 5.15 -1.36 -11.54
C ALA A 77 6.30 -2.12 -10.88
N GLN A 78 6.34 -3.43 -11.07
CA GLN A 78 7.41 -4.23 -10.46
C GLN A 78 8.76 -3.93 -11.12
N ALA A 79 8.72 -3.58 -12.40
CA ALA A 79 9.94 -3.24 -13.13
C ALA A 79 10.41 -1.83 -12.78
N ILE A 80 9.49 -1.02 -12.29
CA ILE A 80 9.82 0.32 -11.83
C ILE A 80 10.47 0.28 -10.46
N ILE A 81 9.76 -0.31 -9.49
CA ILE A 81 10.27 -0.51 -8.14
C ILE A 81 11.66 -1.15 -8.17
N ASP A 82 11.73 -2.35 -8.72
CA ASP A 82 12.97 -3.13 -8.76
C ASP A 82 14.00 -2.45 -9.65
N GLY A 83 13.53 -1.66 -10.61
CA GLY A 83 14.42 -0.95 -11.49
C GLY A 83 15.15 0.16 -10.78
N ALA A 84 14.65 0.54 -9.61
CA ALA A 84 15.28 1.60 -8.83
C ALA A 84 16.18 1.01 -7.74
N ASN A 85 16.32 -0.32 -7.76
CA ASN A 85 17.10 -1.07 -6.75
C ASN A 85 16.27 -1.21 -5.48
N ILE A 86 15.06 -0.67 -5.52
CA ILE A 86 14.12 -0.77 -4.41
C ILE A 86 13.28 -2.04 -4.56
N THR A 87 12.92 -2.67 -3.46
CA THR A 87 12.16 -3.91 -3.54
C THR A 87 11.10 -3.97 -2.45
N LEU A 88 10.23 -4.97 -2.54
CA LEU A 88 9.15 -5.13 -1.58
C LEU A 88 8.83 -6.61 -1.41
N PRO A 89 9.28 -7.22 -0.29
CA PRO A 89 9.14 -8.66 -0.03
C PRO A 89 7.69 -9.15 0.04
N HIS A 90 6.77 -8.26 0.37
CA HIS A 90 5.35 -8.61 0.41
C HIS A 90 4.78 -8.70 -0.99
N GLY A 91 5.53 -8.20 -1.97
CA GLY A 91 5.11 -8.24 -3.35
C GLY A 91 4.09 -7.18 -3.67
N ALA A 92 3.87 -6.29 -2.73
CA ALA A 92 2.84 -5.29 -2.86
C ALA A 92 3.38 -4.00 -3.43
N LEU A 93 2.56 -3.38 -4.25
CA LEU A 93 2.84 -2.07 -4.80
C LEU A 93 2.51 -1.04 -3.73
N THR A 94 1.81 -1.51 -2.71
CA THR A 94 1.31 -0.67 -1.65
C THR A 94 2.36 -0.46 -0.58
N GLU A 95 3.57 -0.94 -0.85
CA GLU A 95 4.69 -0.73 0.03
C GLU A 95 5.94 -0.58 -0.79
N CYS A 96 6.98 -0.01 -0.19
CA CYS A 96 8.25 0.12 -0.87
C CYS A 96 9.38 0.22 0.15
N TYR A 97 10.44 -0.55 -0.07
CA TYR A 97 11.59 -0.47 0.80
C TYR A 97 12.81 -0.03 0.00
N ASP A 98 13.38 1.08 0.44
CA ASP A 98 14.47 1.74 -0.25
C ASP A 98 15.81 1.16 0.20
N GLU A 99 16.79 1.23 -0.72
CA GLU A 99 18.07 0.56 -0.58
C GLU A 99 18.84 0.99 0.67
N LEU A 100 18.56 2.18 1.15
CA LEU A 100 19.23 2.72 2.33
C LEU A 100 18.63 2.13 3.60
N GLY A 101 17.50 1.46 3.45
CA GLY A 101 16.83 0.86 4.60
C GLY A 101 15.56 1.61 4.96
N ASN A 102 14.92 2.19 3.96
CA ASN A 102 13.69 2.95 4.20
C ASN A 102 12.45 2.09 3.95
N ARG A 103 11.42 2.32 4.74
CA ARG A 103 10.14 1.65 4.56
C ARG A 103 9.04 2.69 4.39
N TYR A 104 8.25 2.55 3.35
CA TYR A 104 7.12 3.43 3.14
C TYR A 104 5.86 2.62 2.92
N GLN A 105 4.74 3.16 3.35
CA GLN A 105 3.48 2.44 3.33
C GLN A 105 2.48 3.21 2.49
N LEU A 106 1.98 2.60 1.45
CA LEU A 106 1.14 3.28 0.48
C LEU A 106 -0.34 3.07 0.77
N PRO A 107 -1.07 4.17 1.07
CA PRO A 107 -2.51 4.16 1.35
C PRO A 107 -3.36 3.70 0.16
N VAL A 108 -4.55 3.18 0.47
CA VAL A 108 -5.44 2.58 -0.52
C VAL A 108 -6.03 3.62 -1.47
N TYR A 109 -5.94 4.90 -1.09
CA TYR A 109 -6.64 5.97 -1.80
C TYR A 109 -6.19 6.10 -3.26
N CYS A 110 -5.04 5.53 -3.59
CA CYS A 110 -4.49 5.66 -4.93
C CYS A 110 -4.30 4.30 -5.58
N LEU A 111 -4.91 3.27 -5.01
CA LEU A 111 -4.74 1.91 -5.55
C LEU A 111 -6.04 1.12 -5.49
N ALA A 112 -6.64 1.08 -4.32
CA ALA A 112 -7.75 0.18 -4.06
C ALA A 112 -9.06 0.94 -3.90
N PRO A 113 -10.18 0.25 -4.14
CA PRO A 113 -11.54 0.78 -3.84
C PRO A 113 -11.67 1.24 -2.37
N PRO A 114 -12.90 1.52 -1.86
CA PRO A 114 -13.07 1.99 -0.47
C PRO A 114 -12.76 0.92 0.57
N ILE A 115 -12.13 -0.16 0.12
CA ILE A 115 -11.80 -1.31 0.96
C ILE A 115 -13.01 -2.10 1.40
N ASN A 116 -14.06 -1.41 1.81
CA ASN A 116 -15.23 -2.03 2.30
C ASN A 116 -16.35 -1.08 2.02
N MET A 117 -17.52 -1.63 1.79
CA MET A 117 -18.71 -0.82 1.60
C MET A 117 -19.01 -0.06 2.87
N ILE A 118 -18.42 -0.53 3.96
CA ILE A 118 -18.43 0.15 5.23
C ILE A 118 -19.81 0.08 5.87
N GLU A 119 -20.68 1.00 5.51
CA GLU A 119 -21.98 1.08 6.15
C GLU A 119 -22.93 0.05 5.55
N GLU A 120 -23.78 -0.51 6.40
CA GLU A 120 -24.72 -1.55 6.00
C GLU A 120 -25.78 -1.01 5.04
N LYS A 121 -26.69 -1.91 4.65
CA LYS A 121 -27.84 -1.58 3.81
C LYS A 121 -27.40 -1.27 2.37
N SER A 122 -26.10 -1.34 2.15
CA SER A 122 -25.51 -1.06 0.84
C SER A 122 -25.84 0.36 0.39
N ASP A 123 -25.78 1.30 1.34
CA ASP A 123 -26.15 2.68 1.06
C ASP A 123 -24.95 3.41 0.49
N ILE A 124 -23.78 3.07 1.04
CA ILE A 124 -22.53 3.57 0.53
C ILE A 124 -22.09 2.73 -0.66
N GLU A 125 -21.62 3.39 -1.71
CA GLU A 125 -21.30 2.73 -2.98
C GLU A 125 -22.47 1.85 -3.42
N THR A 126 -23.56 2.50 -3.82
CA THR A 126 -24.79 1.81 -4.16
C THR A 126 -24.69 1.11 -5.51
N LEU A 127 -23.99 -0.02 -5.53
CA LEU A 127 -23.87 -0.81 -6.73
C LEU A 127 -24.87 -1.96 -6.67
N ASP A 128 -25.79 -1.99 -7.62
CA ASP A 128 -26.84 -3.00 -7.65
C ASP A 128 -26.38 -4.21 -8.45
N ILE A 129 -25.61 -3.92 -9.49
CA ILE A 129 -25.09 -4.96 -10.35
C ILE A 129 -23.57 -5.09 -10.19
N SER A 2 2.73 -13.12 13.31
CA SER A 2 2.97 -14.57 13.44
C SER A 2 3.96 -15.05 12.39
N LEU A 3 4.68 -16.13 12.69
CA LEU A 3 5.64 -16.69 11.76
C LEU A 3 5.03 -17.87 11.04
N ASN A 4 4.48 -17.60 9.86
CA ASN A 4 3.85 -18.64 9.07
C ASN A 4 4.11 -18.36 7.58
N GLU A 5 4.57 -19.40 6.88
CA GLU A 5 4.89 -19.32 5.45
C GLU A 5 6.21 -18.60 5.21
N ASN A 6 7.07 -19.24 4.42
CA ASN A 6 8.37 -18.65 4.09
C ASN A 6 8.46 -18.42 2.59
N SER A 7 9.61 -17.94 2.15
CA SER A 7 9.86 -17.69 0.75
C SER A 7 11.34 -17.96 0.44
N GLU A 8 11.83 -19.09 0.93
CA GLU A 8 13.23 -19.45 0.76
C GLU A 8 13.47 -20.00 -0.65
N GLY A 9 14.72 -20.01 -1.08
CA GLY A 9 15.04 -20.46 -2.42
C GLY A 9 14.81 -19.36 -3.44
N THR A 10 13.67 -18.70 -3.33
CA THR A 10 13.34 -17.56 -4.16
C THR A 10 13.55 -16.27 -3.37
N GLY A 11 14.18 -16.40 -2.21
CA GLY A 11 14.42 -15.26 -1.35
C GLY A 11 15.31 -15.62 -0.18
N VAL A 12 15.49 -14.67 0.73
CA VAL A 12 16.37 -14.86 1.88
C VAL A 12 15.70 -15.71 2.95
N ALA A 13 14.38 -15.59 3.01
CA ALA A 13 13.54 -16.21 4.02
C ALA A 13 12.12 -15.80 3.72
N LEU A 14 11.99 -14.53 3.34
CA LEU A 14 10.80 -14.01 2.73
C LEU A 14 11.19 -13.46 1.37
N GLY A 15 10.32 -12.68 0.77
CA GLY A 15 10.51 -12.23 -0.58
C GLY A 15 11.05 -10.81 -0.64
N ARG A 16 12.36 -10.68 -0.40
CA ARG A 16 13.06 -9.41 -0.52
C ARG A 16 12.52 -8.54 -1.64
N ASN A 17 12.62 -9.03 -2.86
CA ASN A 17 12.23 -8.24 -4.01
C ASN A 17 10.76 -8.48 -4.31
N GLN A 18 10.14 -7.53 -4.99
CA GLN A 18 8.69 -7.48 -5.10
C GLN A 18 8.14 -8.38 -6.23
N PRO A 19 7.47 -9.47 -5.87
CA PRO A 19 6.70 -10.31 -6.79
C PRO A 19 5.34 -9.69 -7.12
N LEU A 20 4.45 -10.48 -7.68
CA LEU A 20 3.11 -10.01 -8.05
C LEU A 20 2.35 -9.44 -6.85
N LYS A 21 1.49 -8.47 -7.14
CA LYS A 21 0.81 -7.70 -6.10
C LYS A 21 -0.32 -8.52 -5.47
N LYS A 22 -0.06 -9.04 -4.28
CA LYS A 22 -1.04 -9.87 -3.57
C LYS A 22 -1.81 -9.05 -2.55
N GLU A 23 -1.26 -7.91 -2.14
CA GLU A 23 -1.83 -7.14 -1.04
C GLU A 23 -2.60 -5.92 -1.51
N LYS A 24 -3.26 -5.32 -0.53
CA LYS A 24 -4.10 -4.14 -0.71
C LYS A 24 -3.39 -2.92 -0.13
N PRO A 25 -3.78 -1.70 -0.54
CA PRO A 25 -3.27 -0.47 0.07
C PRO A 25 -3.61 -0.35 1.55
N LYS A 26 -2.66 0.11 2.34
CA LYS A 26 -2.81 0.17 3.79
C LYS A 26 -2.89 1.60 4.31
N TRP A 27 -3.67 1.74 5.39
CA TRP A 27 -4.03 3.02 6.06
C TRP A 27 -5.54 3.03 6.31
N LYS A 28 -6.23 2.12 5.60
CA LYS A 28 -7.68 2.05 5.60
C LYS A 28 -8.12 0.75 6.26
N SER A 29 -9.32 0.77 6.81
CA SER A 29 -9.87 -0.38 7.51
C SER A 29 -10.08 -1.56 6.58
N ASP A 30 -9.67 -2.74 7.02
CA ASP A 30 -9.91 -3.97 6.27
C ASP A 30 -11.38 -4.34 6.35
N TYR A 31 -12.03 -3.91 7.43
CA TYR A 31 -13.46 -3.99 7.53
C TYR A 31 -14.01 -2.65 8.00
N PRO A 32 -14.18 -1.71 7.07
CA PRO A 32 -14.74 -0.40 7.39
C PRO A 32 -16.23 -0.49 7.68
N MET A 33 -16.64 0.09 8.79
CA MET A 33 -18.02 -0.04 9.25
C MET A 33 -18.84 1.20 8.94
N THR A 34 -18.83 2.16 9.83
CA THR A 34 -19.58 3.38 9.60
C THR A 34 -18.66 4.60 9.56
N ASP A 35 -19.23 5.78 9.33
CA ASP A 35 -18.45 7.02 9.24
C ASP A 35 -17.58 7.24 10.47
N GLY A 36 -18.16 7.09 11.66
CA GLY A 36 -17.44 7.32 12.90
C GLY A 36 -16.22 6.41 13.03
N GLN A 37 -16.35 5.19 12.54
CA GLN A 37 -15.22 4.27 12.52
C GLN A 37 -14.20 4.74 11.52
N LEU A 38 -14.66 4.99 10.30
CA LEU A 38 -13.80 5.39 9.20
C LEU A 38 -13.00 6.63 9.57
N ARG A 39 -13.67 7.64 10.11
CA ARG A 39 -13.03 8.91 10.47
C ARG A 39 -11.95 8.71 11.55
N SER A 40 -12.32 8.00 12.63
CA SER A 40 -11.41 7.82 13.74
C SER A 40 -10.25 6.95 13.31
N LYS A 41 -10.59 5.84 12.65
CA LYS A 41 -9.61 4.97 12.05
C LYS A 41 -8.69 5.73 11.08
N ARG A 42 -9.28 6.59 10.25
CA ARG A 42 -8.54 7.38 9.27
C ARG A 42 -7.53 8.29 9.95
N ASP A 43 -8.00 9.08 10.90
CA ASP A 43 -7.16 10.06 11.57
C ASP A 43 -6.02 9.38 12.31
N GLU A 44 -6.37 8.37 13.10
CA GLU A 44 -5.43 7.59 13.87
C GLU A 44 -4.29 7.08 13.00
N PHE A 45 -4.64 6.47 11.88
CA PHE A 45 -3.66 5.88 11.00
C PHE A 45 -2.92 6.96 10.23
N TRP A 46 -3.64 7.99 9.80
CA TRP A 46 -3.06 9.09 9.03
C TRP A 46 -1.87 9.71 9.76
N ASP A 47 -1.94 9.73 11.09
CA ASP A 47 -0.84 10.21 11.92
C ASP A 47 0.40 9.33 11.77
N THR A 48 0.19 8.08 11.41
CA THR A 48 1.26 7.10 11.41
C THR A 48 1.66 6.70 9.98
N ALA A 49 0.69 6.74 9.06
CA ALA A 49 0.88 6.28 7.68
C ALA A 49 2.14 6.84 7.01
N PRO A 50 2.30 8.18 6.93
CA PRO A 50 3.45 8.78 6.27
C PRO A 50 4.64 9.00 7.22
N ALA A 51 4.40 8.82 8.51
CA ALA A 51 5.38 9.18 9.53
C ALA A 51 6.39 8.08 9.78
N PHE A 52 6.81 7.40 8.73
CA PHE A 52 7.84 6.39 8.84
C PHE A 52 9.15 6.90 8.25
N GLU A 53 9.05 8.07 7.59
CA GLU A 53 10.17 8.71 6.92
C GLU A 53 10.67 7.90 5.72
N GLY A 54 11.20 8.60 4.73
CA GLY A 54 11.64 7.95 3.52
C GLY A 54 12.46 8.86 2.65
N ARG A 55 12.03 9.03 1.40
CA ARG A 55 12.77 9.80 0.43
C ARG A 55 11.85 10.24 -0.70
N LYS A 56 11.94 11.51 -1.08
CA LYS A 56 11.06 12.09 -2.08
C LYS A 56 11.49 11.68 -3.48
N GLU A 57 12.76 11.38 -3.64
CA GLU A 57 13.32 11.00 -4.93
C GLU A 57 12.61 9.80 -5.52
N ILE A 58 12.52 8.73 -4.73
CA ILE A 58 11.90 7.49 -5.18
C ILE A 58 10.38 7.65 -5.37
N TRP A 59 9.80 8.64 -4.68
CA TRP A 59 8.36 8.87 -4.74
C TRP A 59 7.87 8.94 -6.18
N ASP A 60 8.70 9.50 -7.06
CA ASP A 60 8.38 9.59 -8.48
C ASP A 60 8.09 8.20 -9.06
N ALA A 61 8.87 7.22 -8.62
CA ALA A 61 8.74 5.86 -9.13
C ALA A 61 7.49 5.20 -8.56
N LEU A 62 7.07 5.65 -7.38
CA LEU A 62 5.90 5.10 -6.73
C LEU A 62 4.63 5.48 -7.50
N LYS A 63 4.56 6.73 -7.92
CA LYS A 63 3.42 7.19 -8.70
C LYS A 63 3.38 6.48 -10.03
N ALA A 64 4.54 6.41 -10.67
CA ALA A 64 4.68 5.73 -11.96
C ALA A 64 4.26 4.27 -11.87
N ALA A 65 4.69 3.59 -10.81
CA ALA A 65 4.31 2.18 -10.62
C ALA A 65 2.83 2.06 -10.34
N ALA A 66 2.36 2.81 -9.36
CA ALA A 66 0.93 2.90 -9.07
C ALA A 66 0.15 3.18 -10.34
N HIS A 67 0.74 3.98 -11.23
CA HIS A 67 0.11 4.37 -12.48
C HIS A 67 -0.17 3.14 -13.32
N ALA A 68 0.85 2.32 -13.54
CA ALA A 68 0.68 1.09 -14.29
C ALA A 68 -0.19 0.10 -13.53
N PHE A 69 0.17 -0.16 -12.28
CA PHE A 69 -0.60 -1.06 -11.42
C PHE A 69 -2.09 -0.68 -11.39
N GLU A 70 -2.38 0.62 -11.44
CA GLU A 70 -3.76 1.09 -11.52
C GLU A 70 -4.47 0.52 -12.74
N SER A 71 -3.74 0.44 -13.84
CA SER A 71 -4.28 -0.04 -15.10
C SER A 71 -4.16 -1.56 -15.18
N ASN A 72 -4.06 -2.20 -14.00
CA ASN A 72 -3.96 -3.66 -13.88
C ASN A 72 -2.61 -4.16 -14.33
N ASP A 73 -1.73 -3.22 -14.65
CA ASP A 73 -0.40 -3.56 -15.12
C ASP A 73 0.51 -3.93 -13.94
N HIS A 74 0.51 -5.21 -13.61
CA HIS A 74 1.31 -5.73 -12.50
C HIS A 74 2.79 -5.70 -12.85
N GLU A 75 3.09 -5.97 -14.11
CA GLU A 75 4.46 -6.18 -14.55
C GLU A 75 5.27 -4.88 -14.53
N LEU A 76 4.69 -3.80 -15.01
CA LEU A 76 5.36 -2.51 -15.02
C LEU A 76 5.69 -2.06 -13.61
N ALA A 77 4.68 -2.03 -12.76
CA ALA A 77 4.83 -1.50 -11.40
C ALA A 77 5.87 -2.27 -10.60
N GLN A 78 5.86 -3.59 -10.72
CA GLN A 78 6.78 -4.40 -9.95
C GLN A 78 8.20 -4.23 -10.49
N ALA A 79 8.30 -4.02 -11.80
CA ALA A 79 9.59 -3.83 -12.44
C ALA A 79 10.13 -2.42 -12.21
N ILE A 80 9.23 -1.48 -11.94
CA ILE A 80 9.63 -0.12 -11.62
C ILE A 80 10.26 -0.05 -10.23
N ILE A 81 9.50 -0.49 -9.22
CA ILE A 81 10.00 -0.61 -7.85
C ILE A 81 11.32 -1.38 -7.83
N ASP A 82 11.28 -2.60 -8.35
CA ASP A 82 12.44 -3.49 -8.34
C ASP A 82 13.57 -2.91 -9.18
N GLY A 83 13.20 -2.18 -10.22
CA GLY A 83 14.19 -1.60 -11.12
C GLY A 83 14.90 -0.41 -10.50
N ALA A 84 14.40 0.05 -9.37
CA ALA A 84 15.03 1.15 -8.66
C ALA A 84 15.95 0.61 -7.57
N ASN A 85 16.01 -0.72 -7.46
CA ASN A 85 16.78 -1.42 -6.42
C ASN A 85 16.06 -1.28 -5.08
N ILE A 86 14.85 -0.75 -5.16
CA ILE A 86 13.96 -0.68 -4.04
C ILE A 86 13.15 -1.97 -3.97
N THR A 87 12.98 -2.51 -2.79
CA THR A 87 12.31 -3.79 -2.66
C THR A 87 11.07 -3.68 -1.80
N LEU A 88 10.23 -4.71 -1.85
CA LEU A 88 9.05 -4.78 -1.02
C LEU A 88 8.72 -6.23 -0.70
N PRO A 89 9.08 -6.67 0.52
CA PRO A 89 8.99 -8.08 0.93
C PRO A 89 7.56 -8.63 0.92
N HIS A 90 6.59 -7.74 0.89
CA HIS A 90 5.18 -8.14 0.84
C HIS A 90 4.74 -8.48 -0.58
N GLY A 91 5.51 -8.00 -1.56
CA GLY A 91 5.15 -8.19 -2.96
C GLY A 91 4.10 -7.19 -3.41
N ALA A 92 3.84 -6.20 -2.59
CA ALA A 92 2.77 -5.26 -2.85
C ALA A 92 3.29 -3.97 -3.45
N LEU A 93 2.47 -3.37 -4.29
CA LEU A 93 2.76 -2.07 -4.87
C LEU A 93 2.44 -1.01 -3.83
N THR A 94 1.67 -1.42 -2.84
CA THR A 94 1.13 -0.50 -1.87
C THR A 94 2.07 -0.28 -0.70
N GLU A 95 3.34 -0.56 -0.93
CA GLU A 95 4.42 -0.29 0.02
C GLU A 95 5.72 -0.19 -0.75
N CYS A 96 6.73 0.42 -0.16
CA CYS A 96 8.05 0.46 -0.78
C CYS A 96 9.12 0.64 0.27
N TYR A 97 10.23 -0.07 0.12
CA TYR A 97 11.37 0.12 0.99
C TYR A 97 12.54 0.56 0.15
N ASP A 98 13.05 1.74 0.49
CA ASP A 98 14.17 2.31 -0.22
C ASP A 98 15.46 1.68 0.27
N GLU A 99 16.41 1.52 -0.65
CA GLU A 99 17.62 0.77 -0.42
C GLU A 99 18.46 1.33 0.72
N LEU A 100 18.29 2.60 1.05
CA LEU A 100 19.02 3.21 2.15
C LEU A 100 18.42 2.82 3.51
N GLY A 101 17.26 2.17 3.47
CA GLY A 101 16.61 1.76 4.69
C GLY A 101 15.36 2.57 4.98
N ASN A 102 14.73 3.07 3.94
CA ASN A 102 13.52 3.88 4.08
C ASN A 102 12.27 3.05 3.85
N ARG A 103 11.13 3.51 4.37
CA ARG A 103 9.89 2.76 4.27
C ARG A 103 8.71 3.68 3.96
N TYR A 104 7.82 3.22 3.10
CA TYR A 104 6.60 3.94 2.78
C TYR A 104 5.40 3.02 2.73
N GLN A 105 4.24 3.58 3.01
CA GLN A 105 2.99 2.83 2.97
C GLN A 105 2.05 3.53 1.98
N LEU A 106 1.63 2.80 0.96
CA LEU A 106 0.80 3.37 -0.10
C LEU A 106 -0.68 3.23 0.23
N PRO A 107 -1.33 4.36 0.53
CA PRO A 107 -2.76 4.43 0.87
C PRO A 107 -3.69 4.26 -0.33
N VAL A 108 -4.91 3.82 -0.03
CA VAL A 108 -5.91 3.45 -1.03
C VAL A 108 -6.35 4.63 -1.92
N TYR A 109 -6.06 5.85 -1.48
CA TYR A 109 -6.61 7.06 -2.11
C TYR A 109 -6.24 7.17 -3.59
N CYS A 110 -5.16 6.52 -3.99
CA CYS A 110 -4.72 6.57 -5.37
C CYS A 110 -4.48 5.15 -5.89
N LEU A 111 -5.19 4.19 -5.32
CA LEU A 111 -4.98 2.79 -5.68
C LEU A 111 -6.31 2.04 -5.80
N ALA A 112 -7.16 2.16 -4.80
CA ALA A 112 -8.40 1.40 -4.78
C ALA A 112 -9.59 2.26 -4.36
N PRO A 113 -10.50 2.52 -5.32
CA PRO A 113 -11.77 3.24 -5.06
C PRO A 113 -12.72 2.56 -4.06
N PRO A 114 -12.94 1.20 -4.13
CA PRO A 114 -13.92 0.47 -3.31
C PRO A 114 -14.21 1.05 -1.92
N ILE A 115 -13.17 1.21 -1.12
CA ILE A 115 -13.32 1.69 0.26
C ILE A 115 -13.53 3.19 0.33
N ASN A 116 -14.46 3.68 -0.47
CA ASN A 116 -14.74 5.10 -0.56
C ASN A 116 -15.87 5.53 0.38
N MET A 117 -17.06 4.97 0.16
CA MET A 117 -18.23 5.38 0.92
C MET A 117 -18.29 4.68 2.28
N ILE A 118 -17.88 3.41 2.32
CA ILE A 118 -18.00 2.56 3.52
C ILE A 118 -19.46 2.29 3.85
N GLU A 119 -20.17 3.30 4.31
CA GLU A 119 -21.58 3.17 4.63
C GLU A 119 -22.41 3.12 3.36
N GLU A 120 -23.65 2.72 3.47
CA GLU A 120 -24.49 2.41 2.32
C GLU A 120 -25.79 3.21 2.32
N LYS A 121 -26.82 2.62 1.69
CA LYS A 121 -28.18 3.15 1.61
C LYS A 121 -28.28 4.54 0.98
N SER A 122 -27.18 4.96 0.38
CA SER A 122 -27.12 6.22 -0.37
C SER A 122 -27.58 7.40 0.49
N ASP A 123 -27.19 7.39 1.75
CA ASP A 123 -27.61 8.43 2.69
C ASP A 123 -26.44 9.32 3.07
N ILE A 124 -25.29 8.70 3.20
CA ILE A 124 -24.11 9.36 3.74
C ILE A 124 -23.50 10.37 2.77
N GLU A 125 -22.45 9.95 2.06
CA GLU A 125 -21.74 10.84 1.14
C GLU A 125 -22.33 10.79 -0.26
N THR A 126 -23.64 10.92 -0.34
CA THR A 126 -24.32 10.92 -1.62
C THR A 126 -24.59 12.37 -2.06
N LEU A 127 -23.52 13.11 -2.26
CA LEU A 127 -23.59 14.49 -2.70
C LEU A 127 -22.69 14.68 -3.92
N ASP A 128 -23.31 14.76 -5.08
CA ASP A 128 -22.58 14.75 -6.34
C ASP A 128 -22.60 16.12 -6.98
N ILE A 129 -23.79 16.71 -7.01
CA ILE A 129 -23.96 18.02 -7.61
C ILE A 129 -23.75 19.13 -6.58
N SER A 2 25.22 -23.83 11.72
CA SER A 2 23.91 -23.95 11.05
C SER A 2 22.88 -23.11 11.77
N LEU A 3 22.95 -21.80 11.58
CA LEU A 3 22.02 -20.88 12.24
C LEU A 3 21.23 -20.09 11.22
N ASN A 4 19.96 -20.45 11.06
CA ASN A 4 19.08 -19.75 10.13
C ASN A 4 18.34 -18.67 10.89
N GLU A 5 19.11 -17.68 11.35
CA GLU A 5 18.60 -16.66 12.26
C GLU A 5 17.94 -15.51 11.53
N ASN A 6 18.70 -14.82 10.68
CA ASN A 6 18.20 -13.61 10.03
C ASN A 6 17.29 -13.94 8.83
N SER A 7 17.19 -13.01 7.89
CA SER A 7 16.30 -13.17 6.75
C SER A 7 16.84 -14.19 5.72
N GLU A 8 17.73 -15.08 6.16
CA GLU A 8 18.22 -16.14 5.29
C GLU A 8 18.14 -17.48 6.00
N GLY A 9 17.00 -18.13 5.87
CA GLY A 9 16.83 -19.47 6.41
C GLY A 9 16.60 -20.48 5.32
N THR A 10 16.54 -19.99 4.09
CA THR A 10 16.26 -20.83 2.94
C THR A 10 16.53 -20.04 1.65
N GLY A 11 17.70 -19.42 1.59
CA GLY A 11 17.99 -18.49 0.51
C GLY A 11 17.56 -17.09 0.88
N VAL A 12 16.26 -16.94 1.10
CA VAL A 12 15.72 -15.76 1.71
C VAL A 12 14.98 -16.20 2.98
N ALA A 13 13.82 -15.64 3.22
CA ALA A 13 12.99 -16.03 4.35
C ALA A 13 11.53 -15.87 3.99
N LEU A 14 11.05 -14.64 3.99
CA LEU A 14 9.68 -14.37 3.61
C LEU A 14 9.61 -13.72 2.22
N GLY A 15 10.72 -13.10 1.80
CA GLY A 15 10.78 -12.53 0.47
C GLY A 15 11.48 -11.18 0.42
N ARG A 16 12.66 -11.15 -0.21
CA ARG A 16 13.37 -9.90 -0.47
C ARG A 16 12.54 -8.91 -1.28
N ASN A 17 12.39 -9.20 -2.55
CA ASN A 17 11.76 -8.29 -3.49
C ASN A 17 10.31 -8.65 -3.71
N GLN A 18 9.55 -7.68 -4.20
CA GLN A 18 8.09 -7.74 -4.19
C GLN A 18 7.51 -8.50 -5.39
N PRO A 19 6.93 -9.68 -5.12
CA PRO A 19 6.22 -10.49 -6.13
C PRO A 19 4.88 -9.87 -6.54
N LEU A 20 4.02 -10.70 -7.15
CA LEU A 20 2.70 -10.27 -7.63
C LEU A 20 1.98 -9.35 -6.65
N LYS A 21 1.33 -8.32 -7.19
CA LYS A 21 0.67 -7.30 -6.39
C LYS A 21 -0.77 -7.70 -6.11
N LYS A 22 -0.95 -8.66 -5.22
CA LYS A 22 -2.28 -9.10 -4.83
C LYS A 22 -2.72 -8.45 -3.51
N GLU A 23 -1.77 -7.88 -2.79
CA GLU A 23 -2.07 -7.27 -1.51
C GLU A 23 -2.73 -5.90 -1.70
N LYS A 24 -3.45 -5.48 -0.67
CA LYS A 24 -4.29 -4.29 -0.71
C LYS A 24 -3.54 -3.07 -0.14
N PRO A 25 -3.99 -1.84 -0.49
CA PRO A 25 -3.42 -0.63 0.09
C PRO A 25 -3.77 -0.50 1.56
N LYS A 26 -2.84 0.05 2.33
CA LYS A 26 -2.96 0.05 3.78
C LYS A 26 -3.20 1.46 4.31
N TRP A 27 -4.01 1.55 5.39
CA TRP A 27 -4.40 2.79 6.08
C TRP A 27 -5.91 2.77 6.37
N LYS A 28 -6.61 1.80 5.80
CA LYS A 28 -8.06 1.79 5.84
C LYS A 28 -8.59 0.63 6.68
N SER A 29 -9.88 0.68 6.95
CA SER A 29 -10.53 -0.30 7.79
C SER A 29 -10.95 -1.51 6.98
N ASP A 30 -10.65 -2.70 7.50
CA ASP A 30 -11.09 -3.94 6.87
C ASP A 30 -12.60 -4.05 6.99
N TYR A 31 -13.12 -3.44 8.04
CA TYR A 31 -14.55 -3.37 8.27
C TYR A 31 -14.90 -1.98 8.81
N PRO A 32 -15.07 -1.00 7.92
CA PRO A 32 -15.38 0.38 8.31
C PRO A 32 -16.77 0.50 8.92
N MET A 33 -16.91 1.38 9.90
CA MET A 33 -18.19 1.58 10.56
C MET A 33 -18.57 3.06 10.56
N THR A 34 -19.06 3.55 11.70
CA THR A 34 -19.63 4.88 11.77
C THR A 34 -18.55 5.97 11.69
N ASP A 35 -18.99 7.22 11.54
CA ASP A 35 -18.07 8.35 11.41
C ASP A 35 -17.08 8.42 12.57
N GLY A 36 -17.56 8.10 13.77
CA GLY A 36 -16.69 8.08 14.94
C GLY A 36 -15.48 7.17 14.73
N GLN A 37 -15.70 6.06 14.06
CA GLN A 37 -14.61 5.15 13.74
C GLN A 37 -13.76 5.72 12.63
N LEU A 38 -14.41 6.34 11.66
CA LEU A 38 -13.72 6.96 10.53
C LEU A 38 -12.74 8.03 11.03
N ARG A 39 -13.25 8.95 11.82
CA ARG A 39 -12.44 10.06 12.33
C ARG A 39 -11.28 9.53 13.19
N SER A 40 -11.57 8.60 14.09
CA SER A 40 -10.56 8.04 14.97
C SER A 40 -9.52 7.27 14.18
N LYS A 41 -9.99 6.40 13.29
CA LYS A 41 -9.11 5.65 12.41
C LYS A 41 -8.24 6.61 11.60
N ARG A 42 -8.87 7.64 11.06
CA ARG A 42 -8.19 8.58 10.16
C ARG A 42 -6.93 9.13 10.79
N ASP A 43 -7.04 9.71 11.99
CA ASP A 43 -5.89 10.32 12.65
C ASP A 43 -4.86 9.27 13.06
N GLU A 44 -5.37 8.25 13.76
CA GLU A 44 -4.52 7.17 14.29
C GLU A 44 -3.69 6.54 13.18
N PHE A 45 -4.33 6.17 12.09
CA PHE A 45 -3.64 5.55 10.97
C PHE A 45 -2.75 6.54 10.23
N TRP A 46 -3.21 7.76 10.06
CA TRP A 46 -2.39 8.81 9.44
C TRP A 46 -1.08 9.02 10.17
N ASP A 47 -1.04 8.63 11.44
CA ASP A 47 0.20 8.65 12.19
C ASP A 47 1.20 7.64 11.64
N THR A 48 0.70 6.48 11.21
CA THR A 48 1.55 5.35 10.87
C THR A 48 1.63 5.09 9.36
N ALA A 49 0.64 5.57 8.62
CA ALA A 49 0.60 5.37 7.16
C ALA A 49 1.81 5.99 6.44
N PRO A 50 2.04 7.32 6.55
CA PRO A 50 3.09 7.98 5.80
C PRO A 50 4.49 7.78 6.40
N ALA A 51 4.51 7.17 7.59
CA ALA A 51 5.75 6.87 8.30
C ALA A 51 6.45 8.15 8.75
N PHE A 52 7.77 8.10 8.85
CA PHE A 52 8.54 9.24 9.35
C PHE A 52 8.91 10.18 8.20
N GLU A 53 9.33 9.57 7.09
CA GLU A 53 9.75 10.31 5.91
C GLU A 53 10.14 9.32 4.83
N GLY A 54 10.63 9.84 3.72
CA GLY A 54 11.14 8.99 2.67
C GLY A 54 12.00 9.77 1.71
N ARG A 55 12.32 9.16 0.58
CA ARG A 55 13.05 9.83 -0.47
C ARG A 55 12.08 10.22 -1.58
N LYS A 56 11.93 11.51 -1.81
CA LYS A 56 10.98 11.99 -2.82
C LYS A 56 11.57 11.84 -4.22
N GLU A 57 12.87 11.62 -4.28
CA GLU A 57 13.55 11.36 -5.54
C GLU A 57 13.00 10.10 -6.19
N ILE A 58 12.77 9.07 -5.38
CA ILE A 58 12.22 7.81 -5.86
C ILE A 58 10.70 7.87 -5.98
N TRP A 59 10.08 8.82 -5.27
CA TRP A 59 8.62 8.95 -5.23
C TRP A 59 8.00 8.85 -6.62
N ASP A 60 8.63 9.49 -7.59
CA ASP A 60 8.13 9.51 -8.96
C ASP A 60 8.02 8.11 -9.54
N ALA A 61 8.92 7.22 -9.13
CA ALA A 61 8.90 5.85 -9.59
C ALA A 61 7.75 5.10 -8.95
N LEU A 62 7.46 5.45 -7.70
CA LEU A 62 6.39 4.79 -6.95
C LEU A 62 5.04 5.09 -7.57
N LYS A 63 4.81 6.37 -7.83
CA LYS A 63 3.57 6.82 -8.44
C LYS A 63 3.46 6.36 -9.90
N ALA A 64 4.62 6.17 -10.53
CA ALA A 64 4.66 5.67 -11.90
C ALA A 64 4.33 4.18 -11.94
N ALA A 65 4.78 3.46 -10.93
CA ALA A 65 4.47 2.04 -10.83
C ALA A 65 3.00 1.85 -10.52
N ALA A 66 2.51 2.60 -9.54
CA ALA A 66 1.09 2.63 -9.26
C ALA A 66 0.29 2.96 -10.52
N HIS A 67 0.86 3.80 -11.38
CA HIS A 67 0.20 4.17 -12.63
C HIS A 67 0.06 2.93 -13.52
N ALA A 68 1.17 2.24 -13.72
CA ALA A 68 1.19 1.03 -14.54
C ALA A 68 0.34 -0.06 -13.94
N PHE A 69 0.63 -0.41 -12.68
CA PHE A 69 -0.11 -1.43 -11.96
C PHE A 69 -1.63 -1.16 -11.99
N GLU A 70 -2.01 0.12 -11.95
CA GLU A 70 -3.42 0.50 -12.06
C GLU A 70 -3.97 0.22 -13.44
N SER A 71 -3.11 0.33 -14.44
CA SER A 71 -3.50 0.04 -15.81
C SER A 71 -3.36 -1.46 -16.08
N ASN A 72 -3.24 -2.23 -14.98
CA ASN A 72 -3.08 -3.68 -15.01
C ASN A 72 -1.69 -4.09 -15.47
N ASP A 73 -0.83 -3.10 -15.65
CA ASP A 73 0.56 -3.35 -16.01
C ASP A 73 1.36 -3.80 -14.79
N HIS A 74 1.29 -5.09 -14.53
CA HIS A 74 1.98 -5.71 -13.41
C HIS A 74 3.48 -5.73 -13.67
N GLU A 75 3.85 -5.99 -14.93
CA GLU A 75 5.25 -6.09 -15.33
C GLU A 75 6.00 -4.78 -15.09
N LEU A 76 5.36 -3.67 -15.44
CA LEU A 76 5.97 -2.36 -15.31
C LEU A 76 6.26 -2.00 -13.87
N ALA A 77 5.26 -2.14 -13.01
CA ALA A 77 5.39 -1.74 -11.61
C ALA A 77 6.49 -2.53 -10.91
N GLN A 78 6.60 -3.82 -11.21
CA GLN A 78 7.67 -4.61 -10.63
C GLN A 78 9.03 -4.14 -11.13
N ALA A 79 9.11 -3.87 -12.43
CA ALA A 79 10.38 -3.46 -13.04
C ALA A 79 10.78 -2.06 -12.57
N ILE A 80 9.80 -1.30 -12.09
CA ILE A 80 10.08 0.03 -11.58
C ILE A 80 10.60 -0.01 -10.15
N ILE A 81 9.80 -0.54 -9.23
CA ILE A 81 10.18 -0.66 -7.82
C ILE A 81 11.49 -1.43 -7.68
N ASP A 82 11.54 -2.63 -8.25
CA ASP A 82 12.73 -3.48 -8.19
C ASP A 82 13.87 -2.85 -8.96
N GLY A 83 13.53 -2.14 -10.03
CA GLY A 83 14.54 -1.51 -10.86
C GLY A 83 15.20 -0.35 -10.17
N ALA A 84 14.60 0.11 -9.08
CA ALA A 84 15.16 1.21 -8.31
C ALA A 84 15.98 0.69 -7.14
N ASN A 85 16.12 -0.65 -7.07
CA ASN A 85 16.87 -1.32 -5.99
C ASN A 85 16.05 -1.31 -4.71
N ILE A 86 14.82 -0.87 -4.84
CA ILE A 86 13.88 -0.81 -3.74
C ILE A 86 13.12 -2.12 -3.62
N THR A 87 12.91 -2.58 -2.41
CA THR A 87 12.25 -3.87 -2.21
C THR A 87 11.03 -3.73 -1.33
N LEU A 88 10.17 -4.74 -1.38
CA LEU A 88 9.00 -4.78 -0.54
C LEU A 88 8.64 -6.24 -0.25
N PRO A 89 8.84 -6.69 1.00
CA PRO A 89 8.69 -8.10 1.39
C PRO A 89 7.25 -8.62 1.25
N HIS A 90 6.28 -7.71 1.29
CA HIS A 90 4.86 -8.09 1.18
C HIS A 90 4.49 -8.41 -0.27
N GLY A 91 5.30 -7.95 -1.20
CA GLY A 91 4.99 -8.12 -2.61
C GLY A 91 4.00 -7.10 -3.12
N ALA A 92 3.75 -6.08 -2.32
CA ALA A 92 2.70 -5.13 -2.64
C ALA A 92 3.26 -3.93 -3.41
N LEU A 93 2.40 -3.33 -4.21
CA LEU A 93 2.72 -2.11 -4.94
C LEU A 93 2.45 -0.93 -4.02
N THR A 94 1.58 -1.18 -3.05
CA THR A 94 1.11 -0.15 -2.15
C THR A 94 2.02 0.00 -0.94
N GLU A 95 3.22 -0.54 -1.05
CA GLU A 95 4.24 -0.40 -0.03
C GLU A 95 5.60 -0.43 -0.71
N CYS A 96 6.54 0.35 -0.22
CA CYS A 96 7.89 0.33 -0.76
C CYS A 96 8.92 0.73 0.29
N TYR A 97 10.05 0.03 0.30
CA TYR A 97 11.13 0.34 1.21
C TYR A 97 12.36 0.70 0.41
N ASP A 98 12.85 1.90 0.67
CA ASP A 98 14.00 2.45 -0.01
C ASP A 98 15.28 1.95 0.66
N GLU A 99 16.30 1.74 -0.17
CA GLU A 99 17.53 1.06 0.24
C GLU A 99 18.21 1.74 1.42
N LEU A 100 17.98 3.04 1.56
CA LEU A 100 18.61 3.82 2.62
C LEU A 100 17.90 3.56 3.95
N GLY A 101 16.76 2.90 3.89
CA GLY A 101 16.00 2.60 5.09
C GLY A 101 14.73 3.42 5.19
N ASN A 102 14.16 3.76 4.04
CA ASN A 102 12.94 4.55 4.03
C ASN A 102 11.72 3.68 3.83
N ARG A 103 10.57 4.19 4.24
CA ARG A 103 9.34 3.40 4.21
C ARG A 103 8.19 4.21 3.64
N TYR A 104 7.58 3.69 2.58
CA TYR A 104 6.41 4.30 1.97
C TYR A 104 5.24 3.34 1.99
N GLN A 105 4.13 3.78 2.57
CA GLN A 105 2.95 2.95 2.70
C GLN A 105 1.78 3.65 2.01
N LEU A 106 1.19 2.98 1.03
CA LEU A 106 0.27 3.64 0.12
C LEU A 106 -1.19 3.40 0.49
N PRO A 107 -1.93 4.51 0.72
CA PRO A 107 -3.36 4.48 1.05
C PRO A 107 -4.26 4.16 -0.15
N VAL A 108 -5.46 3.67 0.13
CA VAL A 108 -6.41 3.23 -0.90
C VAL A 108 -7.03 4.39 -1.67
N TYR A 109 -6.82 5.61 -1.19
CA TYR A 109 -7.52 6.79 -1.70
C TYR A 109 -7.34 6.97 -3.22
N CYS A 110 -6.26 6.42 -3.76
CA CYS A 110 -5.95 6.60 -5.17
C CYS A 110 -6.06 5.27 -5.92
N LEU A 111 -6.48 4.22 -5.23
CA LEU A 111 -6.50 2.89 -5.84
C LEU A 111 -7.88 2.25 -5.73
N ALA A 112 -8.42 2.18 -4.53
CA ALA A 112 -9.69 1.52 -4.31
C ALA A 112 -10.59 2.35 -3.39
N PRO A 113 -11.67 2.89 -3.94
CA PRO A 113 -12.62 3.72 -3.19
C PRO A 113 -13.85 3.00 -2.55
N PRO A 114 -14.00 1.63 -2.55
CA PRO A 114 -15.12 1.00 -1.83
C PRO A 114 -15.10 1.35 -0.35
N ILE A 115 -13.90 1.52 0.19
CA ILE A 115 -13.73 1.87 1.59
C ILE A 115 -13.68 3.37 1.78
N ASN A 116 -14.52 4.07 1.04
CA ASN A 116 -14.64 5.53 1.16
C ASN A 116 -15.97 5.88 1.81
N MET A 117 -16.98 5.05 1.57
CA MET A 117 -18.30 5.26 2.17
C MET A 117 -18.22 5.10 3.68
N ILE A 118 -17.49 4.08 4.11
CA ILE A 118 -17.20 3.82 5.53
C ILE A 118 -18.42 3.28 6.26
N GLU A 119 -19.39 4.15 6.43
CA GLU A 119 -20.55 3.87 7.26
C GLU A 119 -21.58 3.04 6.52
N GLU A 120 -22.75 2.85 7.14
CA GLU A 120 -23.82 2.04 6.56
C GLU A 120 -24.43 2.70 5.32
N LYS A 121 -25.47 2.06 4.78
CA LYS A 121 -26.13 2.54 3.56
C LYS A 121 -26.52 4.02 3.68
N SER A 122 -27.09 4.38 4.82
CA SER A 122 -27.50 5.75 5.09
C SER A 122 -28.17 5.78 6.46
N ASP A 123 -27.67 4.94 7.35
CA ASP A 123 -28.32 4.71 8.64
C ASP A 123 -27.73 5.65 9.67
N ILE A 124 -26.53 6.11 9.37
CA ILE A 124 -25.76 6.94 10.28
C ILE A 124 -26.19 8.39 10.22
N GLU A 125 -25.91 9.13 11.29
CA GLU A 125 -26.33 10.52 11.42
C GLU A 125 -25.52 11.41 10.49
N THR A 126 -24.40 10.91 10.02
CA THR A 126 -23.50 11.68 9.18
C THR A 126 -24.09 11.84 7.77
N LEU A 127 -24.51 13.06 7.44
CA LEU A 127 -25.09 13.33 6.13
C LEU A 127 -24.45 14.56 5.50
N ASP A 128 -24.66 15.72 6.11
CA ASP A 128 -24.11 16.96 5.59
C ASP A 128 -22.78 17.22 6.28
N ILE A 129 -22.80 17.07 7.59
CA ILE A 129 -21.61 17.27 8.39
C ILE A 129 -21.16 15.97 9.03
N SER A 2 16.25 -29.13 -3.51
CA SER A 2 16.41 -28.17 -4.62
C SER A 2 15.09 -27.41 -4.82
N LEU A 3 15.07 -26.52 -5.81
CA LEU A 3 13.90 -25.69 -6.11
C LEU A 3 13.58 -24.74 -4.95
N ASN A 4 14.10 -23.52 -5.05
CA ASN A 4 13.88 -22.50 -4.02
C ASN A 4 12.45 -21.95 -4.10
N GLU A 5 11.48 -22.83 -3.89
CA GLU A 5 10.07 -22.44 -3.89
C GLU A 5 9.72 -21.81 -2.55
N ASN A 6 10.18 -22.44 -1.48
CA ASN A 6 10.15 -21.80 -0.17
C ASN A 6 11.53 -21.22 0.09
N SER A 7 11.65 -19.91 -0.09
CA SER A 7 12.93 -19.25 -0.01
C SER A 7 13.56 -19.41 1.37
N GLU A 8 14.85 -19.74 1.36
CA GLU A 8 15.60 -19.90 2.61
C GLU A 8 16.24 -18.58 2.99
N GLY A 9 16.34 -18.36 4.31
CA GLY A 9 16.83 -17.10 4.85
C GLY A 9 18.22 -16.71 4.37
N THR A 10 18.90 -17.62 3.67
CA THR A 10 20.18 -17.31 3.03
C THR A 10 19.99 -16.16 2.03
N GLY A 11 18.81 -16.08 1.44
CA GLY A 11 18.47 -14.98 0.57
C GLY A 11 17.37 -14.14 1.18
N VAL A 12 16.35 -14.81 1.65
CA VAL A 12 15.22 -14.20 2.30
C VAL A 12 14.23 -15.30 2.61
N ALA A 13 13.36 -15.07 3.55
CA ALA A 13 12.37 -16.08 3.90
C ALA A 13 11.14 -16.01 3.00
N LEU A 14 10.23 -15.11 3.35
CA LEU A 14 8.95 -15.01 2.65
C LEU A 14 9.08 -14.32 1.29
N GLY A 15 10.17 -13.58 1.10
CA GLY A 15 10.39 -12.90 -0.16
C GLY A 15 10.66 -11.43 0.02
N ARG A 16 11.92 -11.03 -0.13
CA ARG A 16 12.31 -9.64 0.00
C ARG A 16 11.94 -8.84 -1.25
N ASN A 17 11.73 -9.57 -2.35
CA ASN A 17 11.30 -8.96 -3.60
C ASN A 17 9.81 -9.18 -3.78
N GLN A 18 9.19 -8.34 -4.60
CA GLN A 18 7.74 -8.28 -4.68
C GLN A 18 7.18 -9.29 -5.67
N PRO A 19 6.36 -10.23 -5.18
CA PRO A 19 5.49 -11.05 -6.02
C PRO A 19 4.31 -10.25 -6.58
N LEU A 20 3.28 -10.93 -7.06
CA LEU A 20 2.10 -10.26 -7.60
C LEU A 20 1.43 -9.40 -6.52
N LYS A 21 0.91 -8.25 -6.95
CA LYS A 21 0.26 -7.32 -6.03
C LYS A 21 -1.16 -7.77 -5.67
N LYS A 22 -1.24 -8.83 -4.87
CA LYS A 22 -2.52 -9.38 -4.47
C LYS A 22 -3.07 -8.70 -3.21
N GLU A 23 -2.20 -7.98 -2.50
CA GLU A 23 -2.60 -7.32 -1.26
C GLU A 23 -3.31 -6.00 -1.54
N LYS A 24 -3.88 -5.46 -0.48
CA LYS A 24 -4.66 -4.23 -0.55
C LYS A 24 -3.91 -3.07 0.11
N PRO A 25 -4.13 -1.83 -0.38
CA PRO A 25 -3.43 -0.66 0.15
C PRO A 25 -3.73 -0.44 1.63
N LYS A 26 -2.71 -0.08 2.39
CA LYS A 26 -2.83 -0.05 3.85
C LYS A 26 -2.79 1.36 4.40
N TRP A 27 -3.87 1.67 5.11
CA TRP A 27 -4.03 2.90 5.90
C TRP A 27 -5.46 2.93 6.46
N LYS A 28 -6.04 1.74 6.57
CA LYS A 28 -7.48 1.62 6.59
C LYS A 28 -7.91 0.52 7.56
N SER A 29 -9.08 0.70 8.14
CA SER A 29 -9.64 -0.27 9.06
C SER A 29 -9.98 -1.55 8.34
N ASP A 30 -9.36 -2.65 8.75
CA ASP A 30 -9.69 -3.95 8.18
C ASP A 30 -11.12 -4.31 8.52
N TYR A 31 -11.62 -3.73 9.61
CA TYR A 31 -13.02 -3.84 9.96
C TYR A 31 -13.57 -2.45 10.28
N PRO A 32 -13.96 -1.69 9.24
CA PRO A 32 -14.50 -0.34 9.40
C PRO A 32 -15.86 -0.32 10.05
N MET A 33 -16.07 0.66 10.91
CA MET A 33 -17.35 0.81 11.59
C MET A 33 -18.00 2.13 11.20
N THR A 34 -18.53 2.84 12.19
CA THR A 34 -19.34 4.02 11.92
C THR A 34 -18.51 5.21 11.45
N ASP A 35 -19.18 6.33 11.20
CA ASP A 35 -18.51 7.54 10.73
C ASP A 35 -17.57 8.09 11.80
N GLY A 36 -17.99 7.98 13.06
CA GLY A 36 -17.17 8.43 14.16
C GLY A 36 -15.90 7.62 14.26
N GLN A 37 -16.02 6.32 14.02
CA GLN A 37 -14.86 5.44 14.01
C GLN A 37 -14.02 5.71 12.78
N LEU A 38 -14.68 6.08 11.70
CA LEU A 38 -14.01 6.41 10.45
C LEU A 38 -13.07 7.60 10.66
N ARG A 39 -13.61 8.69 11.20
CA ARG A 39 -12.83 9.92 11.39
C ARG A 39 -11.68 9.72 12.37
N SER A 40 -12.00 9.26 13.57
CA SER A 40 -11.03 9.13 14.64
C SER A 40 -9.93 8.13 14.27
N LYS A 41 -10.33 6.95 13.84
CA LYS A 41 -9.38 5.91 13.51
C LYS A 41 -8.57 6.29 12.27
N ARG A 42 -9.17 7.08 11.38
CA ARG A 42 -8.47 7.52 10.18
C ARG A 42 -7.27 8.37 10.54
N ASP A 43 -7.44 9.21 11.56
CA ASP A 43 -6.37 10.08 12.02
C ASP A 43 -5.26 9.24 12.65
N GLU A 44 -5.64 8.34 13.54
CA GLU A 44 -4.69 7.38 14.14
C GLU A 44 -3.88 6.68 13.07
N PHE A 45 -4.58 6.10 12.10
CA PHE A 45 -3.93 5.44 10.98
C PHE A 45 -3.05 6.40 10.19
N TRP A 46 -3.54 7.62 10.01
CA TRP A 46 -2.77 8.65 9.31
C TRP A 46 -1.42 8.93 9.97
N ASP A 47 -1.32 8.65 11.27
CA ASP A 47 -0.03 8.75 11.94
C ASP A 47 0.88 7.58 11.56
N THR A 48 0.28 6.44 11.30
CA THR A 48 1.04 5.23 11.04
C THR A 48 1.31 5.04 9.55
N ALA A 49 0.46 5.66 8.72
CA ALA A 49 0.54 5.48 7.27
C ALA A 49 1.89 5.92 6.69
N PRO A 50 2.24 7.22 6.72
CA PRO A 50 3.47 7.71 6.09
C PRO A 50 4.72 7.41 6.94
N ALA A 51 4.54 7.53 8.25
CA ALA A 51 5.55 7.14 9.24
C ALA A 51 6.89 7.85 9.08
N PHE A 52 7.79 7.27 8.30
CA PHE A 52 9.18 7.72 8.26
C PHE A 52 9.52 8.46 6.97
N GLU A 53 8.61 8.46 6.00
CA GLU A 53 8.88 9.03 4.68
C GLU A 53 10.07 8.32 4.03
N GLY A 54 10.71 8.98 3.06
CA GLY A 54 11.88 8.41 2.43
C GLY A 54 12.46 9.30 1.36
N ARG A 55 12.86 8.70 0.27
CA ARG A 55 13.46 9.41 -0.85
C ARG A 55 12.38 10.05 -1.71
N LYS A 56 12.31 11.38 -1.71
CA LYS A 56 11.40 12.11 -2.57
C LYS A 56 11.70 11.82 -4.04
N GLU A 57 12.97 11.62 -4.34
CA GLU A 57 13.41 11.31 -5.71
C GLU A 57 12.71 10.08 -6.27
N ILE A 58 12.62 9.04 -5.45
CA ILE A 58 12.02 7.78 -5.89
C ILE A 58 10.49 7.87 -5.89
N TRP A 59 9.96 8.82 -5.13
CA TRP A 59 8.50 8.99 -4.98
C TRP A 59 7.79 8.95 -6.33
N ASP A 60 8.37 9.62 -7.31
CA ASP A 60 7.80 9.70 -8.65
C ASP A 60 7.78 8.35 -9.33
N ALA A 61 8.69 7.46 -8.95
CA ALA A 61 8.73 6.14 -9.53
C ALA A 61 7.65 5.27 -8.92
N LEU A 62 7.33 5.57 -7.67
CA LEU A 62 6.32 4.81 -6.95
C LEU A 62 4.93 5.10 -7.51
N LYS A 63 4.62 6.37 -7.63
CA LYS A 63 3.34 6.80 -8.19
C LYS A 63 3.22 6.40 -9.65
N ALA A 64 4.35 6.39 -10.37
CA ALA A 64 4.37 5.95 -11.76
C ALA A 64 4.12 4.45 -11.86
N ALA A 65 4.65 3.70 -10.91
CA ALA A 65 4.42 2.26 -10.88
C ALA A 65 2.98 1.96 -10.55
N ALA A 66 2.46 2.63 -9.53
CA ALA A 66 1.05 2.55 -9.20
C ALA A 66 0.20 2.86 -10.43
N HIS A 67 0.68 3.79 -11.25
CA HIS A 67 -0.03 4.18 -12.46
C HIS A 67 -0.13 2.99 -13.41
N ALA A 68 0.99 2.31 -13.61
CA ALA A 68 1.02 1.14 -14.47
C ALA A 68 0.19 0.02 -13.89
N PHE A 69 0.43 -0.30 -12.61
CA PHE A 69 -0.31 -1.32 -11.92
C PHE A 69 -1.83 -1.05 -12.00
N GLU A 70 -2.21 0.23 -11.97
CA GLU A 70 -3.61 0.62 -12.14
C GLU A 70 -4.21 -0.01 -13.39
N SER A 71 -3.51 0.09 -14.51
CA SER A 71 -4.05 -0.36 -15.77
C SER A 71 -4.02 -1.87 -15.90
N ASN A 72 -3.17 -2.52 -15.08
CA ASN A 72 -2.97 -3.99 -15.03
C ASN A 72 -1.49 -4.31 -14.88
N ASP A 73 -0.65 -3.32 -15.17
CA ASP A 73 0.78 -3.56 -15.37
C ASP A 73 1.52 -3.89 -14.09
N HIS A 74 1.60 -5.18 -13.79
CA HIS A 74 2.44 -5.67 -12.71
C HIS A 74 3.90 -5.52 -13.12
N GLU A 75 4.19 -5.91 -14.34
CA GLU A 75 5.56 -5.98 -14.83
C GLU A 75 6.23 -4.61 -14.84
N LEU A 76 5.54 -3.60 -15.37
CA LEU A 76 6.07 -2.25 -15.39
C LEU A 76 6.45 -1.80 -13.98
N ALA A 77 5.49 -1.87 -13.09
CA ALA A 77 5.67 -1.37 -11.74
C ALA A 77 6.78 -2.11 -11.00
N GLN A 78 6.83 -3.42 -11.15
CA GLN A 78 7.88 -4.21 -10.51
C GLN A 78 9.26 -3.85 -11.05
N ALA A 79 9.34 -3.58 -12.35
CA ALA A 79 10.60 -3.21 -12.98
C ALA A 79 11.03 -1.83 -12.51
N ILE A 80 10.05 -0.98 -12.21
CA ILE A 80 10.32 0.36 -11.71
C ILE A 80 10.88 0.31 -10.29
N ILE A 81 10.11 -0.26 -9.37
CA ILE A 81 10.52 -0.42 -7.97
C ILE A 81 11.88 -1.11 -7.88
N ASP A 82 11.97 -2.31 -8.46
CA ASP A 82 13.17 -3.12 -8.41
C ASP A 82 14.33 -2.44 -9.13
N GLY A 83 13.99 -1.56 -10.07
CA GLY A 83 15.00 -0.89 -10.86
C GLY A 83 15.85 0.06 -10.04
N ALA A 84 15.35 0.45 -8.87
CA ALA A 84 16.09 1.35 -8.02
C ALA A 84 16.76 0.58 -6.87
N ASN A 85 16.63 -0.76 -6.93
CA ASN A 85 17.09 -1.65 -5.86
C ASN A 85 16.19 -1.55 -4.65
N ILE A 86 15.09 -0.83 -4.83
CA ILE A 86 14.05 -0.73 -3.84
C ILE A 86 13.14 -1.96 -3.95
N THR A 87 12.77 -2.52 -2.81
CA THR A 87 11.96 -3.72 -2.83
C THR A 87 10.87 -3.68 -1.76
N LEU A 88 9.97 -4.64 -1.81
CA LEU A 88 8.89 -4.73 -0.85
C LEU A 88 8.51 -6.20 -0.62
N PRO A 89 8.73 -6.70 0.62
CA PRO A 89 8.54 -8.12 0.97
C PRO A 89 7.08 -8.61 0.88
N HIS A 90 6.14 -7.68 0.87
CA HIS A 90 4.73 -8.04 0.75
C HIS A 90 4.36 -8.33 -0.70
N GLY A 91 5.14 -7.78 -1.62
CA GLY A 91 4.79 -7.86 -3.02
C GLY A 91 3.68 -6.91 -3.37
N ALA A 92 3.47 -5.95 -2.50
CA ALA A 92 2.40 -4.99 -2.67
C ALA A 92 2.90 -3.74 -3.36
N LEU A 93 2.07 -3.21 -4.23
CA LEU A 93 2.38 -2.00 -4.97
C LEU A 93 2.23 -0.80 -4.05
N THR A 94 1.46 -1.00 -2.99
CA THR A 94 1.09 0.07 -2.08
C THR A 94 2.08 0.21 -0.94
N GLU A 95 3.24 -0.40 -1.09
CA GLU A 95 4.31 -0.26 -0.12
C GLU A 95 5.64 -0.36 -0.85
N CYS A 96 6.62 0.40 -0.42
CA CYS A 96 7.97 0.31 -0.99
C CYS A 96 9.01 0.70 0.04
N TYR A 97 10.12 -0.05 0.06
CA TYR A 97 11.19 0.22 1.00
C TYR A 97 12.47 0.56 0.25
N ASP A 98 12.98 1.74 0.55
CA ASP A 98 14.19 2.26 -0.09
C ASP A 98 15.41 1.76 0.66
N GLU A 99 16.50 1.54 -0.10
CA GLU A 99 17.71 0.91 0.39
C GLU A 99 18.31 1.66 1.58
N LEU A 100 18.01 2.94 1.67
CA LEU A 100 18.53 3.78 2.74
C LEU A 100 17.80 3.52 4.05
N GLY A 101 16.79 2.66 3.99
CA GLY A 101 16.02 2.34 5.16
C GLY A 101 14.78 3.21 5.25
N ASN A 102 14.23 3.52 4.10
CA ASN A 102 13.03 4.36 4.02
C ASN A 102 11.83 3.50 3.66
N ARG A 103 10.64 3.98 3.99
CA ARG A 103 9.43 3.23 3.68
C ARG A 103 8.33 4.15 3.19
N TYR A 104 7.61 3.69 2.19
CA TYR A 104 6.46 4.41 1.67
C TYR A 104 5.24 3.51 1.69
N GLN A 105 4.17 4.00 2.28
CA GLN A 105 2.96 3.21 2.45
C GLN A 105 1.82 3.96 1.77
N LEU A 106 1.18 3.30 0.82
CA LEU A 106 0.25 3.94 -0.08
C LEU A 106 -1.21 3.67 0.31
N PRO A 107 -1.97 4.76 0.53
CA PRO A 107 -3.41 4.70 0.82
C PRO A 107 -4.25 4.25 -0.39
N VAL A 108 -5.42 3.70 -0.09
CA VAL A 108 -6.31 3.12 -1.10
C VAL A 108 -6.87 4.16 -2.06
N TYR A 109 -6.80 5.43 -1.65
CA TYR A 109 -7.54 6.50 -2.32
C TYR A 109 -7.17 6.67 -3.80
N CYS A 110 -5.98 6.20 -4.18
CA CYS A 110 -5.49 6.42 -5.53
C CYS A 110 -5.45 5.12 -6.33
N LEU A 111 -5.90 4.02 -5.73
CA LEU A 111 -5.84 2.72 -6.41
C LEU A 111 -7.17 1.99 -6.34
N ALA A 112 -7.85 2.13 -5.20
CA ALA A 112 -9.07 1.40 -4.97
C ALA A 112 -10.24 2.37 -4.80
N PRO A 113 -11.17 2.36 -5.77
CA PRO A 113 -12.38 3.19 -5.75
C PRO A 113 -13.28 3.02 -4.50
N PRO A 114 -13.42 1.81 -3.89
CA PRO A 114 -14.18 1.64 -2.66
C PRO A 114 -13.54 2.33 -1.46
N ILE A 115 -13.73 1.78 -0.26
CA ILE A 115 -13.27 2.40 0.97
C ILE A 115 -13.78 3.84 1.05
N ASN A 116 -15.07 3.96 0.88
CA ASN A 116 -15.72 5.26 0.83
C ASN A 116 -17.12 5.15 1.42
N MET A 117 -17.27 5.69 2.63
CA MET A 117 -18.54 5.66 3.35
C MET A 117 -18.89 4.25 3.80
N ILE A 118 -18.85 4.04 5.11
CA ILE A 118 -19.10 2.72 5.67
C ILE A 118 -20.52 2.65 6.23
N GLU A 119 -20.79 3.43 7.25
CA GLU A 119 -22.15 3.53 7.79
C GLU A 119 -22.70 4.93 7.54
N GLU A 120 -23.21 5.13 6.32
CA GLU A 120 -23.74 6.40 5.86
C GLU A 120 -22.69 7.52 5.86
N LYS A 121 -23.14 8.71 5.53
CA LYS A 121 -22.26 9.88 5.38
C LYS A 121 -21.58 10.19 6.70
N SER A 122 -22.41 10.59 7.66
CA SER A 122 -21.99 10.98 8.97
C SER A 122 -23.23 11.11 9.83
N ASP A 123 -24.05 10.08 9.76
CA ASP A 123 -25.36 10.11 10.38
C ASP A 123 -25.30 9.48 11.75
N ILE A 124 -24.37 8.55 11.89
CA ILE A 124 -24.25 7.75 13.10
C ILE A 124 -23.78 8.58 14.31
N GLU A 125 -22.46 8.71 14.46
CA GLU A 125 -21.88 9.37 15.62
C GLU A 125 -22.01 10.89 15.57
N THR A 126 -23.15 11.37 15.15
CA THR A 126 -23.45 12.79 15.22
C THR A 126 -24.55 13.01 16.25
N LEU A 127 -24.26 12.56 17.46
CA LEU A 127 -25.18 12.67 18.58
C LEU A 127 -24.93 13.99 19.32
N ASP A 128 -23.93 14.72 18.82
CA ASP A 128 -23.56 16.04 19.33
C ASP A 128 -22.78 15.87 20.62
N ILE A 129 -22.10 14.74 20.67
CA ILE A 129 -21.22 14.42 21.78
C ILE A 129 -19.78 14.38 21.29
N SER A 2 11.27 -25.88 4.51
CA SER A 2 11.51 -24.57 3.85
C SER A 2 10.33 -24.19 2.97
N LEU A 3 9.50 -23.26 3.44
CA LEU A 3 8.32 -22.84 2.69
C LEU A 3 8.63 -21.61 1.85
N ASN A 4 8.75 -21.81 0.55
CA ASN A 4 9.06 -20.72 -0.37
C ASN A 4 7.88 -20.49 -1.31
N GLU A 5 7.31 -19.30 -1.25
CA GLU A 5 6.15 -18.97 -2.05
C GLU A 5 6.30 -17.58 -2.65
N ASN A 6 5.69 -17.37 -3.81
CA ASN A 6 5.62 -16.07 -4.48
C ASN A 6 6.97 -15.68 -5.10
N SER A 7 8.02 -16.39 -4.73
CA SER A 7 9.36 -16.14 -5.26
C SER A 7 9.55 -16.82 -6.61
N GLU A 8 8.62 -16.58 -7.52
CA GLU A 8 8.66 -17.20 -8.84
C GLU A 8 9.63 -16.45 -9.76
N GLY A 9 10.73 -17.10 -10.11
CA GLY A 9 11.71 -16.47 -10.97
C GLY A 9 12.72 -15.69 -10.17
N THR A 10 12.73 -15.94 -8.88
CA THR A 10 13.64 -15.26 -7.98
C THR A 10 13.91 -16.14 -6.75
N GLY A 11 14.97 -16.94 -6.84
CA GLY A 11 15.31 -17.88 -5.78
C GLY A 11 15.82 -17.16 -4.54
N VAL A 12 14.89 -16.66 -3.74
CA VAL A 12 15.22 -15.91 -2.53
C VAL A 12 14.55 -16.54 -1.32
N ALA A 13 13.23 -16.37 -1.22
CA ALA A 13 12.44 -16.91 -0.12
C ALA A 13 10.96 -16.63 -0.36
N LEU A 14 10.62 -15.35 -0.33
CA LEU A 14 9.29 -14.90 -0.69
C LEU A 14 9.33 -13.91 -1.85
N GLY A 15 10.55 -13.46 -2.16
CA GLY A 15 10.74 -12.53 -3.25
C GLY A 15 11.22 -11.17 -2.75
N ARG A 16 12.48 -10.83 -3.03
CA ARG A 16 13.02 -9.54 -2.65
C ARG A 16 12.18 -8.41 -3.22
N ASN A 17 11.94 -8.47 -4.52
CA ASN A 17 11.15 -7.46 -5.20
C ASN A 17 9.68 -7.88 -5.21
N GLN A 18 8.79 -6.92 -5.34
CA GLN A 18 7.38 -7.19 -5.17
C GLN A 18 6.71 -7.62 -6.47
N PRO A 19 6.16 -8.83 -6.48
CA PRO A 19 5.29 -9.33 -7.54
C PRO A 19 3.89 -8.76 -7.42
N LEU A 20 2.93 -9.38 -8.13
CA LEU A 20 1.51 -9.05 -8.02
C LEU A 20 1.12 -8.82 -6.56
N LYS A 21 0.61 -7.62 -6.26
CA LYS A 21 0.26 -7.27 -4.89
C LYS A 21 -0.73 -8.27 -4.29
N LYS A 22 -0.33 -8.88 -3.19
CA LYS A 22 -1.19 -9.81 -2.50
C LYS A 22 -1.91 -9.08 -1.37
N GLU A 23 -1.22 -8.11 -0.79
CA GLU A 23 -1.80 -7.23 0.21
C GLU A 23 -2.50 -6.05 -0.45
N LYS A 24 -3.23 -5.32 0.37
CA LYS A 24 -3.98 -4.15 -0.07
C LYS A 24 -3.34 -2.90 0.50
N PRO A 25 -3.66 -1.72 -0.07
CA PRO A 25 -3.13 -0.45 0.43
C PRO A 25 -3.53 -0.24 1.88
N LYS A 26 -2.55 -0.05 2.75
CA LYS A 26 -2.80 -0.07 4.18
C LYS A 26 -2.71 1.31 4.79
N TRP A 27 -3.82 1.66 5.40
CA TRP A 27 -3.99 2.92 6.14
C TRP A 27 -5.47 3.06 6.50
N LYS A 28 -6.15 1.92 6.57
CA LYS A 28 -7.58 1.86 6.34
C LYS A 28 -8.24 0.89 7.30
N SER A 29 -9.51 1.13 7.61
CA SER A 29 -10.27 0.32 8.55
C SER A 29 -10.44 -1.11 8.07
N ASP A 30 -10.06 -2.06 8.90
CA ASP A 30 -10.25 -3.47 8.62
C ASP A 30 -11.73 -3.77 8.47
N TYR A 31 -12.55 -3.00 9.17
CA TYR A 31 -13.99 -3.06 9.05
C TYR A 31 -14.60 -1.68 9.27
N PRO A 32 -14.85 -0.94 8.19
CA PRO A 32 -15.49 0.38 8.28
C PRO A 32 -16.98 0.28 8.61
N MET A 33 -17.40 1.01 9.61
CA MET A 33 -18.78 1.00 10.06
C MET A 33 -19.57 2.12 9.40
N THR A 34 -19.52 3.31 9.99
CA THR A 34 -20.24 4.44 9.48
C THR A 34 -19.28 5.52 9.01
N ASP A 35 -19.81 6.65 8.54
CA ASP A 35 -18.97 7.73 8.06
C ASP A 35 -18.21 8.37 9.22
N GLY A 36 -18.86 8.41 10.39
CA GLY A 36 -18.21 8.92 11.57
C GLY A 36 -17.02 8.09 11.97
N GLN A 37 -17.14 6.77 11.81
CA GLN A 37 -16.05 5.86 12.08
C GLN A 37 -14.97 6.00 11.03
N LEU A 38 -15.40 6.13 9.78
CA LEU A 38 -14.48 6.26 8.66
C LEU A 38 -13.55 7.46 8.86
N ARG A 39 -14.13 8.62 9.16
CA ARG A 39 -13.34 9.84 9.36
C ARG A 39 -12.45 9.74 10.60
N SER A 40 -13.00 9.20 11.68
CA SER A 40 -12.26 9.09 12.94
C SER A 40 -11.09 8.13 12.77
N LYS A 41 -11.39 6.93 12.27
CA LYS A 41 -10.37 5.92 12.08
C LYS A 41 -9.34 6.39 11.06
N ARG A 42 -9.79 7.13 10.06
CA ARG A 42 -8.90 7.67 9.02
C ARG A 42 -7.80 8.52 9.65
N ASP A 43 -8.18 9.40 10.56
CA ASP A 43 -7.24 10.30 11.20
C ASP A 43 -6.27 9.54 12.08
N GLU A 44 -6.82 8.62 12.88
CA GLU A 44 -6.03 7.74 13.72
C GLU A 44 -4.99 6.99 12.89
N PHE A 45 -5.44 6.40 11.79
CA PHE A 45 -4.54 5.71 10.87
C PHE A 45 -3.54 6.68 10.27
N TRP A 46 -4.02 7.85 9.84
CA TRP A 46 -3.16 8.88 9.25
C TRP A 46 -1.92 9.16 10.11
N ASP A 47 -2.09 9.11 11.42
CA ASP A 47 -0.97 9.34 12.34
C ASP A 47 0.04 8.20 12.30
N THR A 48 -0.42 7.01 11.93
CA THR A 48 0.44 5.85 11.83
C THR A 48 0.90 5.67 10.39
N ALA A 49 0.09 6.19 9.48
CA ALA A 49 0.39 6.14 8.05
C ALA A 49 1.59 7.01 7.73
N PRO A 50 2.22 6.74 6.59
CA PRO A 50 3.48 7.40 6.20
C PRO A 50 3.25 8.77 5.56
N ALA A 51 1.98 9.05 5.26
CA ALA A 51 1.58 10.28 4.60
C ALA A 51 2.26 10.41 3.24
N PHE A 52 2.66 11.62 2.88
CA PHE A 52 3.32 11.87 1.61
C PHE A 52 4.82 12.05 1.85
N GLU A 53 5.22 11.94 3.11
CA GLU A 53 6.60 12.20 3.51
C GLU A 53 7.55 11.13 2.98
N GLY A 54 8.82 11.47 2.95
CA GLY A 54 9.83 10.57 2.45
C GLY A 54 10.62 11.20 1.33
N ARG A 55 11.59 10.46 0.82
CA ARG A 55 12.38 10.92 -0.31
C ARG A 55 11.52 11.04 -1.55
N LYS A 56 11.26 12.28 -1.96
CA LYS A 56 10.44 12.53 -3.14
C LYS A 56 11.13 11.99 -4.39
N GLU A 57 12.44 11.85 -4.28
CA GLU A 57 13.26 11.24 -5.31
C GLU A 57 12.72 9.86 -5.69
N ILE A 58 12.54 9.00 -4.69
CA ILE A 58 12.04 7.67 -4.92
C ILE A 58 10.51 7.67 -5.02
N TRP A 59 9.87 8.66 -4.39
CA TRP A 59 8.43 8.81 -4.46
C TRP A 59 7.93 8.81 -5.89
N ASP A 60 8.73 9.39 -6.77
CA ASP A 60 8.41 9.45 -8.19
C ASP A 60 8.18 8.06 -8.77
N ALA A 61 8.98 7.09 -8.32
CA ALA A 61 8.91 5.74 -8.86
C ALA A 61 7.77 4.98 -8.23
N LEU A 62 7.45 5.35 -6.99
CA LEU A 62 6.38 4.69 -6.25
C LEU A 62 5.05 4.94 -6.93
N LYS A 63 4.78 6.20 -7.23
CA LYS A 63 3.56 6.58 -7.90
C LYS A 63 3.57 6.18 -9.37
N ALA A 64 4.76 6.08 -9.95
CA ALA A 64 4.88 5.60 -11.32
C ALA A 64 4.49 4.13 -11.43
N ALA A 65 4.91 3.34 -10.45
CA ALA A 65 4.53 1.93 -10.40
C ALA A 65 3.04 1.81 -10.14
N ALA A 66 2.58 2.50 -9.11
CA ALA A 66 1.16 2.58 -8.82
C ALA A 66 0.37 3.00 -10.06
N HIS A 67 1.00 3.83 -10.90
CA HIS A 67 0.36 4.28 -12.14
C HIS A 67 0.09 3.09 -13.06
N ALA A 68 1.12 2.28 -13.29
CA ALA A 68 0.96 1.09 -14.11
C ALA A 68 0.03 0.10 -13.45
N PHE A 69 0.32 -0.23 -12.18
CA PHE A 69 -0.52 -1.14 -11.43
C PHE A 69 -1.99 -0.65 -11.40
N GLU A 70 -2.21 0.66 -11.52
CA GLU A 70 -3.57 1.19 -11.63
C GLU A 70 -4.30 0.57 -12.83
N SER A 71 -3.54 0.31 -13.89
CA SER A 71 -4.07 -0.31 -15.09
C SER A 71 -3.92 -1.83 -14.98
N ASN A 72 -3.70 -2.30 -13.74
CA ASN A 72 -3.50 -3.72 -13.44
C ASN A 72 -2.15 -4.19 -13.97
N ASP A 73 -1.36 -3.24 -14.43
CA ASP A 73 -0.06 -3.55 -15.01
C ASP A 73 0.95 -3.88 -13.93
N HIS A 74 1.09 -5.16 -13.63
CA HIS A 74 2.03 -5.61 -12.61
C HIS A 74 3.46 -5.47 -13.09
N GLU A 75 3.74 -5.97 -14.29
CA GLU A 75 5.11 -6.07 -14.79
C GLU A 75 5.79 -4.71 -14.88
N LEU A 76 5.05 -3.69 -15.30
CA LEU A 76 5.58 -2.34 -15.33
C LEU A 76 6.02 -1.89 -13.95
N ALA A 77 5.11 -2.02 -13.00
CA ALA A 77 5.34 -1.53 -11.65
C ALA A 77 6.47 -2.31 -10.97
N GLN A 78 6.50 -3.63 -11.19
CA GLN A 78 7.56 -4.47 -10.65
C GLN A 78 8.92 -3.99 -11.14
N ALA A 79 9.01 -3.72 -12.44
CA ALA A 79 10.28 -3.34 -13.08
C ALA A 79 10.69 -1.93 -12.71
N ILE A 80 9.72 -1.10 -12.36
CA ILE A 80 10.01 0.27 -11.95
C ILE A 80 10.69 0.29 -10.59
N ILE A 81 10.02 -0.26 -9.58
CA ILE A 81 10.57 -0.40 -8.24
C ILE A 81 11.93 -1.10 -8.26
N ASP A 82 11.94 -2.33 -8.78
CA ASP A 82 13.16 -3.14 -8.80
C ASP A 82 14.24 -2.51 -9.68
N GLY A 83 13.79 -1.69 -10.64
CA GLY A 83 14.72 -1.04 -11.54
C GLY A 83 15.60 -0.03 -10.83
N ALA A 84 15.27 0.29 -9.59
CA ALA A 84 16.03 1.25 -8.83
C ALA A 84 16.76 0.60 -7.66
N ASN A 85 16.86 -0.74 -7.70
CA ASN A 85 17.50 -1.51 -6.61
C ASN A 85 16.58 -1.52 -5.41
N ILE A 86 15.39 -1.03 -5.65
CA ILE A 86 14.38 -0.86 -4.62
C ILE A 86 13.45 -2.05 -4.64
N THR A 87 13.07 -2.55 -3.47
CA THR A 87 12.36 -3.80 -3.39
C THR A 87 11.23 -3.77 -2.36
N LEU A 88 10.38 -4.78 -2.40
CA LEU A 88 9.33 -4.96 -1.41
C LEU A 88 9.06 -6.46 -1.24
N PRO A 89 9.61 -7.06 -0.18
CA PRO A 89 9.58 -8.52 0.03
C PRO A 89 8.19 -9.06 0.30
N HIS A 90 7.24 -8.17 0.53
CA HIS A 90 5.88 -8.58 0.82
C HIS A 90 5.10 -8.84 -0.47
N GLY A 91 5.70 -8.47 -1.60
CA GLY A 91 5.03 -8.62 -2.88
C GLY A 91 3.85 -7.70 -3.03
N ALA A 92 3.99 -6.48 -2.52
CA ALA A 92 2.91 -5.52 -2.55
C ALA A 92 3.32 -4.26 -3.26
N LEU A 93 2.40 -3.73 -4.06
CA LEU A 93 2.60 -2.47 -4.76
C LEU A 93 2.40 -1.33 -3.77
N THR A 94 1.69 -1.64 -2.70
CA THR A 94 1.28 -0.64 -1.75
C THR A 94 2.29 -0.49 -0.62
N GLU A 95 3.50 -0.98 -0.85
CA GLU A 95 4.61 -0.76 0.04
C GLU A 95 5.88 -0.78 -0.79
N CYS A 96 6.88 -0.03 -0.37
CA CYS A 96 8.17 -0.02 -1.05
C CYS A 96 9.29 0.28 -0.08
N TYR A 97 10.44 -0.35 -0.28
CA TYR A 97 11.59 -0.10 0.56
C TYR A 97 12.72 0.45 -0.28
N ASP A 98 13.17 1.63 0.11
CA ASP A 98 14.28 2.29 -0.55
C ASP A 98 15.59 1.70 -0.07
N GLU A 99 16.56 1.63 -0.97
CA GLU A 99 17.80 0.88 -0.75
C GLU A 99 18.59 1.38 0.45
N LEU A 100 18.39 2.64 0.83
CA LEU A 100 19.11 3.22 1.96
C LEU A 100 18.51 2.74 3.28
N GLY A 101 17.33 2.14 3.19
CA GLY A 101 16.67 1.64 4.37
C GLY A 101 15.39 2.37 4.67
N ASN A 102 14.75 2.91 3.64
CA ASN A 102 13.50 3.64 3.82
C ASN A 102 12.30 2.73 3.62
N ARG A 103 11.26 2.93 4.41
CA ARG A 103 10.04 2.16 4.27
C ARG A 103 8.85 3.09 4.06
N TYR A 104 8.17 2.92 2.93
CA TYR A 104 7.00 3.72 2.63
C TYR A 104 5.82 2.82 2.30
N GLN A 105 4.65 3.21 2.77
CA GLN A 105 3.46 2.40 2.62
C GLN A 105 2.39 3.22 1.89
N LEU A 106 1.58 2.57 1.08
CA LEU A 106 0.73 3.27 0.15
C LEU A 106 -0.75 3.16 0.52
N PRO A 107 -1.41 4.31 0.73
CA PRO A 107 -2.85 4.39 1.03
C PRO A 107 -3.75 4.08 -0.19
N VAL A 108 -4.98 3.67 0.10
CA VAL A 108 -5.94 3.25 -0.92
C VAL A 108 -6.42 4.41 -1.79
N TYR A 109 -6.17 5.63 -1.34
CA TYR A 109 -6.75 6.84 -1.93
C TYR A 109 -6.48 6.97 -3.43
N CYS A 110 -5.42 6.31 -3.91
CA CYS A 110 -5.06 6.40 -5.31
C CYS A 110 -4.96 5.01 -5.93
N LEU A 111 -5.53 4.01 -5.27
CA LEU A 111 -5.45 2.64 -5.75
C LEU A 111 -6.82 1.96 -5.75
N ALA A 112 -7.47 1.97 -4.61
CA ALA A 112 -8.73 1.25 -4.45
C ALA A 112 -9.79 2.17 -3.83
N PRO A 113 -10.81 2.53 -4.62
CA PRO A 113 -11.88 3.42 -4.17
C PRO A 113 -13.11 2.77 -3.46
N PRO A 114 -13.27 1.42 -3.32
CA PRO A 114 -14.45 0.86 -2.64
C PRO A 114 -14.53 1.26 -1.17
N ILE A 115 -13.36 1.52 -0.58
CA ILE A 115 -13.27 1.94 0.81
C ILE A 115 -12.97 3.42 0.90
N ASN A 116 -13.69 4.20 0.11
CA ASN A 116 -13.40 5.63 -0.01
C ASN A 116 -13.97 6.40 1.17
N MET A 117 -15.26 6.28 1.39
CA MET A 117 -15.92 6.91 2.50
C MET A 117 -17.14 6.10 2.88
N ILE A 118 -16.92 5.11 3.73
CA ILE A 118 -17.99 4.21 4.13
C ILE A 118 -18.96 4.93 5.05
N GLU A 119 -20.23 4.56 4.93
CA GLU A 119 -21.30 5.20 5.68
C GLU A 119 -22.30 4.17 6.19
N GLU A 120 -23.51 4.64 6.45
CA GLU A 120 -24.59 3.78 6.97
C GLU A 120 -25.01 2.70 5.98
N LYS A 121 -26.06 1.99 6.37
CA LYS A 121 -26.60 0.86 5.62
C LYS A 121 -26.72 1.14 4.12
N SER A 122 -27.71 1.96 3.76
CA SER A 122 -27.97 2.31 2.38
C SER A 122 -29.07 3.35 2.33
N ASP A 123 -29.18 4.08 3.43
CA ASP A 123 -30.24 5.08 3.61
C ASP A 123 -29.72 6.46 3.34
N ILE A 124 -28.42 6.56 3.25
CA ILE A 124 -27.74 7.81 2.89
C ILE A 124 -28.33 8.37 1.60
N GLU A 125 -28.59 9.68 1.60
CA GLU A 125 -29.36 10.36 0.54
C GLU A 125 -30.50 9.50 0.01
N THR A 126 -31.58 9.43 0.78
CA THR A 126 -32.72 8.59 0.46
C THR A 126 -33.25 8.87 -0.95
N LEU A 127 -33.02 7.94 -1.87
CA LEU A 127 -33.49 8.09 -3.23
C LEU A 127 -35.00 7.88 -3.32
N ASP A 128 -35.65 8.76 -4.05
CA ASP A 128 -37.06 8.61 -4.36
C ASP A 128 -37.21 7.93 -5.71
N ILE A 129 -36.19 8.11 -6.53
CA ILE A 129 -36.15 7.50 -7.84
C ILE A 129 -35.20 6.31 -7.85
#